data_2O3G
# 
_entry.id   2O3G 
# 
_audit_conform.dict_name       mmcif_pdbx.dic 
_audit_conform.dict_version    5.398 
_audit_conform.dict_location   http://mmcif.pdb.org/dictionaries/ascii/mmcif_pdbx.dic 
# 
loop_
_database_2.database_id 
_database_2.database_code 
_database_2.pdbx_database_accession 
_database_2.pdbx_DOI 
PDB   2O3G         pdb_00002o3g 10.2210/pdb2o3g/pdb 
RCSB  RCSB040638   ?            ?                   
WWPDB D_1000040638 ?            ?                   
# 
loop_
_pdbx_audit_revision_history.ordinal 
_pdbx_audit_revision_history.data_content_type 
_pdbx_audit_revision_history.major_revision 
_pdbx_audit_revision_history.minor_revision 
_pdbx_audit_revision_history.revision_date 
1 'Structure model' 1 0 2007-01-02 
2 'Structure model' 1 1 2008-05-01 
3 'Structure model' 1 2 2011-07-13 
4 'Structure model' 1 3 2023-12-27 
5 'Structure model' 1 4 2024-10-30 
# 
_pdbx_audit_revision_details.ordinal             1 
_pdbx_audit_revision_details.revision_ordinal    1 
_pdbx_audit_revision_details.data_content_type   'Structure model' 
_pdbx_audit_revision_details.provider            repository 
_pdbx_audit_revision_details.type                'Initial release' 
_pdbx_audit_revision_details.description         ? 
_pdbx_audit_revision_details.details             ? 
# 
loop_
_pdbx_audit_revision_group.ordinal 
_pdbx_audit_revision_group.revision_ordinal 
_pdbx_audit_revision_group.data_content_type 
_pdbx_audit_revision_group.group 
1 2 'Structure model' 'Version format compliance' 
2 3 'Structure model' 'Source and taxonomy'       
3 3 'Structure model' 'Version format compliance' 
4 4 'Structure model' 'Data collection'           
5 4 'Structure model' 'Database references'       
6 4 'Structure model' 'Derived calculations'      
7 5 'Structure model' 'Structure summary'         
# 
loop_
_pdbx_audit_revision_category.ordinal 
_pdbx_audit_revision_category.revision_ordinal 
_pdbx_audit_revision_category.data_content_type 
_pdbx_audit_revision_category.category 
1 4 'Structure model' chem_comp_atom            
2 4 'Structure model' chem_comp_bond            
3 4 'Structure model' database_2                
4 4 'Structure model' struct_conn               
5 4 'Structure model' struct_ref_seq_dif        
6 4 'Structure model' struct_site               
7 5 'Structure model' pdbx_entry_details        
8 5 'Structure model' pdbx_modification_feature 
# 
loop_
_pdbx_audit_revision_item.ordinal 
_pdbx_audit_revision_item.revision_ordinal 
_pdbx_audit_revision_item.data_content_type 
_pdbx_audit_revision_item.item 
1 4 'Structure model' '_database_2.pdbx_DOI'                
2 4 'Structure model' '_database_2.pdbx_database_accession' 
3 4 'Structure model' '_struct_conn.pdbx_leaving_atom_flag' 
4 4 'Structure model' '_struct_ref_seq_dif.details'         
5 4 'Structure model' '_struct_site.pdbx_auth_asym_id'      
6 4 'Structure model' '_struct_site.pdbx_auth_comp_id'      
7 4 'Structure model' '_struct_site.pdbx_auth_seq_id'       
# 
_pdbx_database_status.status_code                     REL 
_pdbx_database_status.entry_id                        2O3G 
_pdbx_database_status.recvd_initial_deposition_date   2006-12-01 
_pdbx_database_status.deposit_site                    RCSB 
_pdbx_database_status.process_site                    RCSB 
_pdbx_database_status.status_code_sf                  REL 
_pdbx_database_status.status_code_mr                  ? 
_pdbx_database_status.SG_entry                        Y 
_pdbx_database_status.pdb_format_compatible           Y 
_pdbx_database_status.status_code_cs                  ? 
_pdbx_database_status.status_code_nmr_data            ? 
_pdbx_database_status.methods_development_category    ? 
# 
_pdbx_database_related.db_name        TargetDB 
_pdbx_database_related.db_id          APC85631.1 
_pdbx_database_related.details        . 
_pdbx_database_related.content_type   unspecified 
# 
loop_
_audit_author.name 
_audit_author.pdbx_ordinal 
'Tan, K.'                                       1 
'Volkart, L.'                                   2 
'Gu, M.'                                        3 
'Joachimiak, A.'                                4 
'Midwest Center for Structural Genomics (MCSG)' 5 
# 
_citation.id                        primary 
_citation.title                     'The crystal structure of a conserved putative domain from Neisseria meningitidis MC58' 
_citation.journal_abbrev            'To be Published' 
_citation.journal_volume            ? 
_citation.page_first                ? 
_citation.page_last                 ? 
_citation.year                      ? 
_citation.journal_id_ASTM           ? 
_citation.country                   ? 
_citation.journal_id_ISSN           ? 
_citation.journal_id_CSD            0353 
_citation.book_publisher            ? 
_citation.pdbx_database_id_PubMed   ? 
_citation.pdbx_database_id_DOI      ? 
# 
loop_
_citation_author.citation_id 
_citation_author.name 
_citation_author.ordinal 
_citation_author.identifier_ORCID 
primary 'Tan, K.'        1 ? 
primary 'Volkart, L.'    2 ? 
primary 'Gu, M.'         3 ? 
primary 'Joachimiak, A.' 4 ? 
# 
loop_
_entity.id 
_entity.type 
_entity.src_method 
_entity.pdbx_description 
_entity.formula_weight 
_entity.pdbx_number_of_molecules 
_entity.pdbx_ec 
_entity.pdbx_mutation 
_entity.pdbx_fragment 
_entity.details 
1 polymer     man 'Putative protein' 10446.277 1 ? ? 'Residues 428-516' ? 
2 non-polymer syn 1,2-ETHANEDIOL     62.068    3 ? ? ?                  ? 
3 water       nat water              18.015    6 ? ? ?                  ? 
# 
_entity_poly.entity_id                      1 
_entity_poly.type                           'polypeptide(L)' 
_entity_poly.nstd_linkage                   no 
_entity_poly.nstd_monomer                   yes 
_entity_poly.pdbx_seq_one_letter_code       
;SNAEREEEPAVQGNPDESLTVEGALEYVELAPQLNLPQQEEDADFHTVAGLI(MSE)EELQTIPDVGDFADFHGWRFEVV
EKEGQRIERVKITKLP
;
_entity_poly.pdbx_seq_one_letter_code_can   
;SNAEREEEPAVQGNPDESLTVEGALEYVELAPQLNLPQQEEDADFHTVAGLIMEELQTIPDVGDFADFHGWRFEVVEKEG
QRIERVKITKLP
;
_entity_poly.pdbx_strand_id                 A 
_entity_poly.pdbx_target_identifier         APC85631.1 
# 
loop_
_pdbx_entity_nonpoly.entity_id 
_pdbx_entity_nonpoly.name 
_pdbx_entity_nonpoly.comp_id 
2 1,2-ETHANEDIOL EDO 
3 water          HOH 
# 
loop_
_entity_poly_seq.entity_id 
_entity_poly_seq.num 
_entity_poly_seq.mon_id 
_entity_poly_seq.hetero 
1 1  SER n 
1 2  ASN n 
1 3  ALA n 
1 4  GLU n 
1 5  ARG n 
1 6  GLU n 
1 7  GLU n 
1 8  GLU n 
1 9  PRO n 
1 10 ALA n 
1 11 VAL n 
1 12 GLN n 
1 13 GLY n 
1 14 ASN n 
1 15 PRO n 
1 16 ASP n 
1 17 GLU n 
1 18 SER n 
1 19 LEU n 
1 20 THR n 
1 21 VAL n 
1 22 GLU n 
1 23 GLY n 
1 24 ALA n 
1 25 LEU n 
1 26 GLU n 
1 27 TYR n 
1 28 VAL n 
1 29 GLU n 
1 30 LEU n 
1 31 ALA n 
1 32 PRO n 
1 33 GLN n 
1 34 LEU n 
1 35 ASN n 
1 36 LEU n 
1 37 PRO n 
1 38 GLN n 
1 39 GLN n 
1 40 GLU n 
1 41 GLU n 
1 42 ASP n 
1 43 ALA n 
1 44 ASP n 
1 45 PHE n 
1 46 HIS n 
1 47 THR n 
1 48 VAL n 
1 49 ALA n 
1 50 GLY n 
1 51 LEU n 
1 52 ILE n 
1 53 MSE n 
1 54 GLU n 
1 55 GLU n 
1 56 LEU n 
1 57 GLN n 
1 58 THR n 
1 59 ILE n 
1 60 PRO n 
1 61 ASP n 
1 62 VAL n 
1 63 GLY n 
1 64 ASP n 
1 65 PHE n 
1 66 ALA n 
1 67 ASP n 
1 68 PHE n 
1 69 HIS n 
1 70 GLY n 
1 71 TRP n 
1 72 ARG n 
1 73 PHE n 
1 74 GLU n 
1 75 VAL n 
1 76 VAL n 
1 77 GLU n 
1 78 LYS n 
1 79 GLU n 
1 80 GLY n 
1 81 GLN n 
1 82 ARG n 
1 83 ILE n 
1 84 GLU n 
1 85 ARG n 
1 86 VAL n 
1 87 LYS n 
1 88 ILE n 
1 89 THR n 
1 90 LYS n 
1 91 LEU n 
1 92 PRO n 
# 
_entity_src_gen.entity_id                          1 
_entity_src_gen.pdbx_src_id                        1 
_entity_src_gen.pdbx_alt_source_flag               sample 
_entity_src_gen.pdbx_seq_type                      ? 
_entity_src_gen.pdbx_beg_seq_num                   ? 
_entity_src_gen.pdbx_end_seq_num                   ? 
_entity_src_gen.gene_src_common_name               ? 
_entity_src_gen.gene_src_genus                     Neisseria 
_entity_src_gen.pdbx_gene_src_gene                 NMB1485 
_entity_src_gen.gene_src_species                   'Neisseria meningitidis' 
_entity_src_gen.gene_src_strain                    MC58 
_entity_src_gen.gene_src_tissue                    ? 
_entity_src_gen.gene_src_tissue_fraction           ? 
_entity_src_gen.gene_src_details                   ? 
_entity_src_gen.pdbx_gene_src_fragment             ? 
_entity_src_gen.pdbx_gene_src_scientific_name      'Neisseria meningitidis' 
_entity_src_gen.pdbx_gene_src_ncbi_taxonomy_id     122586 
_entity_src_gen.pdbx_gene_src_variant              ? 
_entity_src_gen.pdbx_gene_src_cell_line            ? 
_entity_src_gen.pdbx_gene_src_atcc                 ? 
_entity_src_gen.pdbx_gene_src_organ                ? 
_entity_src_gen.pdbx_gene_src_organelle            ? 
_entity_src_gen.pdbx_gene_src_cell                 ? 
_entity_src_gen.pdbx_gene_src_cellular_location    ? 
_entity_src_gen.host_org_common_name               ? 
_entity_src_gen.pdbx_host_org_scientific_name      'Escherichia coli BL21' 
_entity_src_gen.pdbx_host_org_ncbi_taxonomy_id     511693 
_entity_src_gen.host_org_genus                     Escherichia 
_entity_src_gen.pdbx_host_org_gene                 ? 
_entity_src_gen.pdbx_host_org_organ                ? 
_entity_src_gen.host_org_species                   'Escherichia coli' 
_entity_src_gen.pdbx_host_org_tissue               ? 
_entity_src_gen.pdbx_host_org_tissue_fraction      ? 
_entity_src_gen.pdbx_host_org_strain               BL21 
_entity_src_gen.pdbx_host_org_variant              ? 
_entity_src_gen.pdbx_host_org_cell_line            ? 
_entity_src_gen.pdbx_host_org_atcc                 ? 
_entity_src_gen.pdbx_host_org_culture_collection   ? 
_entity_src_gen.pdbx_host_org_cell                 ? 
_entity_src_gen.pdbx_host_org_organelle            ? 
_entity_src_gen.pdbx_host_org_cellular_location    ? 
_entity_src_gen.pdbx_host_org_vector_type          Plasmid 
_entity_src_gen.pdbx_host_org_vector               ? 
_entity_src_gen.host_org_details                   ? 
_entity_src_gen.expression_system_id               ? 
_entity_src_gen.plasmid_name                       pMCSG19 
_entity_src_gen.plasmid_details                    ? 
_entity_src_gen.pdbx_description                   ? 
# 
loop_
_chem_comp.id 
_chem_comp.type 
_chem_comp.mon_nstd_flag 
_chem_comp.name 
_chem_comp.pdbx_synonyms 
_chem_comp.formula 
_chem_comp.formula_weight 
ALA 'L-peptide linking' y ALANINE          ?                 'C3 H7 N O2'     89.093  
ARG 'L-peptide linking' y ARGININE         ?                 'C6 H15 N4 O2 1' 175.209 
ASN 'L-peptide linking' y ASPARAGINE       ?                 'C4 H8 N2 O3'    132.118 
ASP 'L-peptide linking' y 'ASPARTIC ACID'  ?                 'C4 H7 N O4'     133.103 
EDO non-polymer         . 1,2-ETHANEDIOL   'ETHYLENE GLYCOL' 'C2 H6 O2'       62.068  
GLN 'L-peptide linking' y GLUTAMINE        ?                 'C5 H10 N2 O3'   146.144 
GLU 'L-peptide linking' y 'GLUTAMIC ACID'  ?                 'C5 H9 N O4'     147.129 
GLY 'peptide linking'   y GLYCINE          ?                 'C2 H5 N O2'     75.067  
HIS 'L-peptide linking' y HISTIDINE        ?                 'C6 H10 N3 O2 1' 156.162 
HOH non-polymer         . WATER            ?                 'H2 O'           18.015  
ILE 'L-peptide linking' y ISOLEUCINE       ?                 'C6 H13 N O2'    131.173 
LEU 'L-peptide linking' y LEUCINE          ?                 'C6 H13 N O2'    131.173 
LYS 'L-peptide linking' y LYSINE           ?                 'C6 H15 N2 O2 1' 147.195 
MET 'L-peptide linking' y METHIONINE       ?                 'C5 H11 N O2 S'  149.211 
MSE 'L-peptide linking' n SELENOMETHIONINE ?                 'C5 H11 N O2 Se' 196.106 
PHE 'L-peptide linking' y PHENYLALANINE    ?                 'C9 H11 N O2'    165.189 
PRO 'L-peptide linking' y PROLINE          ?                 'C5 H9 N O2'     115.130 
SER 'L-peptide linking' y SERINE           ?                 'C3 H7 N O3'     105.093 
THR 'L-peptide linking' y THREONINE        ?                 'C4 H9 N O3'     119.119 
TRP 'L-peptide linking' y TRYPTOPHAN       ?                 'C11 H12 N2 O2'  204.225 
TYR 'L-peptide linking' y TYROSINE         ?                 'C9 H11 N O3'    181.189 
VAL 'L-peptide linking' y VALINE           ?                 'C5 H11 N O2'    117.146 
# 
loop_
_pdbx_poly_seq_scheme.asym_id 
_pdbx_poly_seq_scheme.entity_id 
_pdbx_poly_seq_scheme.seq_id 
_pdbx_poly_seq_scheme.mon_id 
_pdbx_poly_seq_scheme.ndb_seq_num 
_pdbx_poly_seq_scheme.pdb_seq_num 
_pdbx_poly_seq_scheme.auth_seq_num 
_pdbx_poly_seq_scheme.pdb_mon_id 
_pdbx_poly_seq_scheme.auth_mon_id 
_pdbx_poly_seq_scheme.pdb_strand_id 
_pdbx_poly_seq_scheme.pdb_ins_code 
_pdbx_poly_seq_scheme.hetero 
A 1 1  SER 1  164 ?   ?   ?   A . n 
A 1 2  ASN 2  165 ?   ?   ?   A . n 
A 1 3  ALA 3  166 ?   ?   ?   A . n 
A 1 4  GLU 4  167 ?   ?   ?   A . n 
A 1 5  ARG 5  168 ?   ?   ?   A . n 
A 1 6  GLU 6  169 ?   ?   ?   A . n 
A 1 7  GLU 7  170 ?   ?   ?   A . n 
A 1 8  GLU 8  171 ?   ?   ?   A . n 
A 1 9  PRO 9  172 ?   ?   ?   A . n 
A 1 10 ALA 10 173 ?   ?   ?   A . n 
A 1 11 VAL 11 174 ?   ?   ?   A . n 
A 1 12 GLN 12 175 ?   ?   ?   A . n 
A 1 13 GLY 13 176 ?   ?   ?   A . n 
A 1 14 ASN 14 177 ?   ?   ?   A . n 
A 1 15 PRO 15 178 ?   ?   ?   A . n 
A 1 16 ASP 16 179 ?   ?   ?   A . n 
A 1 17 GLU 17 180 180 GLU GLU A . n 
A 1 18 SER 18 181 181 SER SER A . n 
A 1 19 LEU 19 182 182 LEU LEU A . n 
A 1 20 THR 20 183 183 THR THR A . n 
A 1 21 VAL 21 184 184 VAL VAL A . n 
A 1 22 GLU 22 185 185 GLU GLU A . n 
A 1 23 GLY 23 186 186 GLY GLY A . n 
A 1 24 ALA 24 187 187 ALA ALA A . n 
A 1 25 LEU 25 188 188 LEU LEU A . n 
A 1 26 GLU 26 189 189 GLU GLU A . n 
A 1 27 TYR 27 190 190 TYR TYR A . n 
A 1 28 VAL 28 191 191 VAL VAL A . n 
A 1 29 GLU 29 192 192 GLU GLU A . n 
A 1 30 LEU 30 193 193 LEU LEU A . n 
A 1 31 ALA 31 194 194 ALA ALA A . n 
A 1 32 PRO 32 195 195 PRO PRO A . n 
A 1 33 GLN 33 196 196 GLN GLN A . n 
A 1 34 LEU 34 197 197 LEU LEU A . n 
A 1 35 ASN 35 198 198 ASN ASN A . n 
A 1 36 LEU 36 199 199 LEU LEU A . n 
A 1 37 PRO 37 200 200 PRO PRO A . n 
A 1 38 GLN 38 201 201 GLN GLN A . n 
A 1 39 GLN 39 202 202 GLN GLN A . n 
A 1 40 GLU 40 203 203 GLU GLU A . n 
A 1 41 GLU 41 204 204 GLU GLU A . n 
A 1 42 ASP 42 205 205 ASP ASP A . n 
A 1 43 ALA 43 206 206 ALA ALA A . n 
A 1 44 ASP 44 207 207 ASP ASP A . n 
A 1 45 PHE 45 208 208 PHE PHE A . n 
A 1 46 HIS 46 209 209 HIS HIS A . n 
A 1 47 THR 47 210 210 THR THR A . n 
A 1 48 VAL 48 211 211 VAL VAL A . n 
A 1 49 ALA 49 212 212 ALA ALA A . n 
A 1 50 GLY 50 213 213 GLY GLY A . n 
A 1 51 LEU 51 214 214 LEU LEU A . n 
A 1 52 ILE 52 215 215 ILE ILE A . n 
A 1 53 MSE 53 216 216 MSE MSE A . n 
A 1 54 GLU 54 217 217 GLU GLU A . n 
A 1 55 GLU 55 218 218 GLU GLU A . n 
A 1 56 LEU 56 219 219 LEU LEU A . n 
A 1 57 GLN 57 220 220 GLN GLN A . n 
A 1 58 THR 58 221 221 THR THR A . n 
A 1 59 ILE 59 222 222 ILE ILE A . n 
A 1 60 PRO 60 223 223 PRO PRO A . n 
A 1 61 ASP 61 224 224 ASP ASP A . n 
A 1 62 VAL 62 225 225 VAL VAL A . n 
A 1 63 GLY 63 226 226 GLY GLY A . n 
A 1 64 ASP 64 227 227 ASP ASP A . n 
A 1 65 PHE 65 228 228 PHE PHE A . n 
A 1 66 ALA 66 229 229 ALA ALA A . n 
A 1 67 ASP 67 230 230 ASP ASP A . n 
A 1 68 PHE 68 231 231 PHE PHE A . n 
A 1 69 HIS 69 232 232 HIS HIS A . n 
A 1 70 GLY 70 233 233 GLY GLY A . n 
A 1 71 TRP 71 234 234 TRP TRP A . n 
A 1 72 ARG 72 235 235 ARG ARG A . n 
A 1 73 PHE 73 236 236 PHE PHE A . n 
A 1 74 GLU 74 237 237 GLU GLU A . n 
A 1 75 VAL 75 238 238 VAL VAL A . n 
A 1 76 VAL 76 239 239 VAL VAL A . n 
A 1 77 GLU 77 240 240 GLU GLU A . n 
A 1 78 LYS 78 241 241 LYS LYS A . n 
A 1 79 GLU 79 242 242 GLU GLU A . n 
A 1 80 GLY 80 243 243 GLY GLY A . n 
A 1 81 GLN 81 244 244 GLN GLN A . n 
A 1 82 ARG 82 245 245 ARG ARG A . n 
A 1 83 ILE 83 246 246 ILE ILE A . n 
A 1 84 GLU 84 247 247 GLU GLU A . n 
A 1 85 ARG 85 248 248 ARG ARG A . n 
A 1 86 VAL 86 249 249 VAL VAL A . n 
A 1 87 LYS 87 250 250 LYS LYS A . n 
A 1 88 ILE 88 251 251 ILE ILE A . n 
A 1 89 THR 89 252 252 THR THR A . n 
A 1 90 LYS 90 253 253 LYS LYS A . n 
A 1 91 LEU 91 254 254 LEU LEU A . n 
A 1 92 PRO 92 255 255 PRO PRO A . n 
# 
loop_
_pdbx_nonpoly_scheme.asym_id 
_pdbx_nonpoly_scheme.entity_id 
_pdbx_nonpoly_scheme.mon_id 
_pdbx_nonpoly_scheme.ndb_seq_num 
_pdbx_nonpoly_scheme.pdb_seq_num 
_pdbx_nonpoly_scheme.auth_seq_num 
_pdbx_nonpoly_scheme.pdb_mon_id 
_pdbx_nonpoly_scheme.auth_mon_id 
_pdbx_nonpoly_scheme.pdb_strand_id 
_pdbx_nonpoly_scheme.pdb_ins_code 
B 2 EDO 1 101 1 EDO EDO A . 
C 2 EDO 1 102 2 EDO EDO A . 
D 2 EDO 1 103 3 EDO EDO A . 
E 3 HOH 1 1   1 HOH HOH A . 
E 3 HOH 2 2   2 HOH HOH A . 
E 3 HOH 3 3   3 HOH HOH A . 
E 3 HOH 4 4   4 HOH HOH A . 
E 3 HOH 5 5   5 HOH HOH A . 
E 3 HOH 6 6   6 HOH HOH A . 
# 
loop_
_software.name 
_software.classification 
_software.version 
_software.citation_id 
_software.pdbx_ordinal 
REFMAC      refinement        5.2.0019 ? 1 
SBC-Collect 'data collection' .        ? 2 
HKL-3000    'data reduction'  .        ? 3 
HKL-3000    'data scaling'    .        ? 4 
HKL-3000    phasing           .        ? 5 
# 
_cell.entry_id           2O3G 
_cell.length_a           129.828 
_cell.length_b           129.828 
_cell.length_c           129.828 
_cell.angle_alpha        90.00 
_cell.angle_beta         90.00 
_cell.angle_gamma        90.00 
_cell.Z_PDB              48 
_cell.pdbx_unique_axis   ? 
_cell.length_a_esd       ? 
_cell.length_b_esd       ? 
_cell.length_c_esd       ? 
_cell.angle_alpha_esd    ? 
_cell.angle_beta_esd     ? 
_cell.angle_gamma_esd    ? 
# 
_symmetry.entry_id                         2O3G 
_symmetry.space_group_name_H-M             'I 4 3 2' 
_symmetry.pdbx_full_space_group_name_H-M   ? 
_symmetry.cell_setting                     ? 
_symmetry.Int_Tables_number                211 
_symmetry.space_group_name_Hall            ? 
# 
_exptl.entry_id          2O3G 
_exptl.method            'X-RAY DIFFRACTION' 
_exptl.crystals_number   1 
# 
_exptl_crystal.id                    1 
_exptl_crystal.density_meas          ? 
_exptl_crystal.density_Matthews      4.36 
_exptl_crystal.density_percent_sol   71.80 
_exptl_crystal.description           ? 
_exptl_crystal.F_000                 ? 
_exptl_crystal.preparation           ? 
# 
_exptl_crystal_grow.crystal_id      1 
_exptl_crystal_grow.method          'VAPOR DIFFUSION, SITTING DROP' 
_exptl_crystal_grow.temp            293 
_exptl_crystal_grow.temp_details    ? 
_exptl_crystal_grow.pH              7.5 
_exptl_crystal_grow.pdbx_details    '2.4M Sodium malonate, pH 7.5, VAPOR DIFFUSION, SITTING DROP, temperature 293K' 
_exptl_crystal_grow.pdbx_pH_range   . 
# 
_diffrn.id                     1 
_diffrn.ambient_temp           100 
_diffrn.ambient_temp_details   ? 
_diffrn.crystal_id             1 
# 
_diffrn_detector.diffrn_id              1 
_diffrn_detector.detector               CCD 
_diffrn_detector.type                   SBC-3 
_diffrn_detector.pdbx_collection_date   2006-10-27 
_diffrn_detector.details                mirror 
# 
_diffrn_radiation.diffrn_id                        1 
_diffrn_radiation.wavelength_id                    1 
_diffrn_radiation.pdbx_monochromatic_or_laue_m_l   M 
_diffrn_radiation.monochromator                    'Si 111 crystal' 
_diffrn_radiation.pdbx_diffrn_protocol             MAD 
_diffrn_radiation.pdbx_scattering_type             x-ray 
# 
loop_
_diffrn_radiation_wavelength.id 
_diffrn_radiation_wavelength.wavelength 
_diffrn_radiation_wavelength.wt 
1 0.97907 1.0 
2 0.97928 1.0 
# 
_diffrn_source.diffrn_id                   1 
_diffrn_source.source                      SYNCHROTRON 
_diffrn_source.type                        'APS BEAMLINE 19-BM' 
_diffrn_source.pdbx_synchrotron_site       APS 
_diffrn_source.pdbx_synchrotron_beamline   19-BM 
_diffrn_source.pdbx_wavelength             ? 
_diffrn_source.pdbx_wavelength_list        '0.97907, 0.97928' 
# 
_reflns.entry_id                     2O3G 
_reflns.observed_criterion_sigma_F   0 
_reflns.observed_criterion_sigma_I   0 
_reflns.d_resolution_high            2.55 
_reflns.d_resolution_low             22.27 
_reflns.number_all                   6316 
_reflns.number_obs                   6316 
_reflns.percent_possible_obs         98.6 
_reflns.pdbx_Rmerge_I_obs            0.055 
_reflns.pdbx_Rsym_value              ? 
_reflns.pdbx_netI_over_sigmaI        46.98 
_reflns.B_iso_Wilson_estimate        68.12 
_reflns.pdbx_redundancy              10.2 
_reflns.R_free_details               ? 
_reflns.limit_h_max                  ? 
_reflns.limit_h_min                  ? 
_reflns.limit_k_max                  ? 
_reflns.limit_k_min                  ? 
_reflns.limit_l_max                  ? 
_reflns.limit_l_min                  ? 
_reflns.observed_criterion_F_max     ? 
_reflns.observed_criterion_F_min     ? 
_reflns.pdbx_chi_squared             ? 
_reflns.pdbx_scaling_rejects         ? 
_reflns.pdbx_ordinal                 1 
_reflns.pdbx_diffrn_id               1 
# 
_reflns_shell.d_res_high             2.55 
_reflns_shell.d_res_low              2.61 
_reflns_shell.percent_possible_all   100 
_reflns_shell.Rmerge_I_obs           0.484 
_reflns_shell.pdbx_Rsym_value        ? 
_reflns_shell.meanI_over_sigI_obs    4.65 
_reflns_shell.pdbx_redundancy        10.8 
_reflns_shell.percent_possible_obs   ? 
_reflns_shell.number_unique_all      408 
_reflns_shell.number_measured_all    ? 
_reflns_shell.number_measured_obs    ? 
_reflns_shell.number_unique_obs      ? 
_reflns_shell.pdbx_chi_squared       ? 
_reflns_shell.pdbx_ordinal           1 
_reflns_shell.pdbx_diffrn_id         1 
# 
_refine.entry_id                                 2O3G 
_refine.ls_number_reflns_obs                     5899 
_refine.ls_number_reflns_all                     5899 
_refine.pdbx_ls_sigma_I                          0 
_refine.pdbx_ls_sigma_F                          0 
_refine.pdbx_data_cutoff_high_absF               ? 
_refine.pdbx_data_cutoff_low_absF                ? 
_refine.pdbx_data_cutoff_high_rms_absF           ? 
_refine.ls_d_res_low                             22.27 
_refine.ls_d_res_high                            2.55 
_refine.ls_percent_reflns_obs                    97.03 
_refine.ls_R_factor_obs                          0.24263 
_refine.ls_R_factor_all                          0.24263 
_refine.ls_R_factor_R_work                       0.24174 
_refine.ls_R_factor_R_free                       0.26046 
_refine.ls_R_factor_R_free_error                 ? 
_refine.ls_R_factor_R_free_error_details         ? 
_refine.ls_percent_reflns_R_free                 4.9 
_refine.ls_number_reflns_R_free                  303 
_refine.ls_number_parameters                     ? 
_refine.ls_number_restraints                     ? 
_refine.occupancy_min                            ? 
_refine.occupancy_max                            ? 
_refine.correlation_coeff_Fo_to_Fc               0.930 
_refine.correlation_coeff_Fo_to_Fc_free          0.927 
_refine.B_iso_mean                               57.822 
_refine.aniso_B[1][1]                            ? 
_refine.aniso_B[2][2]                            ? 
_refine.aniso_B[3][3]                            ? 
_refine.aniso_B[1][2]                            ? 
_refine.aniso_B[1][3]                            ? 
_refine.aniso_B[2][3]                            ? 
_refine.solvent_model_details                    MASK 
_refine.solvent_model_param_ksol                 ? 
_refine.solvent_model_param_bsol                 ? 
_refine.pdbx_solvent_vdw_probe_radii             1.20 
_refine.pdbx_solvent_ion_probe_radii             0.80 
_refine.pdbx_solvent_shrinkage_radii             0.80 
_refine.pdbx_ls_cross_valid_method               THROUGHOUT 
_refine.details                                  'HYDROGENS HAVE BEEN ADDED IN THE RIDING POSITIONS' 
_refine.pdbx_starting_model                      ? 
_refine.pdbx_method_to_determine_struct          MAD 
_refine.pdbx_isotropic_thermal_model             ? 
_refine.pdbx_stereochemistry_target_values       'MAXIMUM LIKELIHOOD' 
_refine.pdbx_stereochem_target_val_spec_case     ? 
_refine.pdbx_R_Free_selection_details            RANDOM 
_refine.pdbx_overall_ESU_R                       0.273 
_refine.pdbx_overall_ESU_R_Free                  0.223 
_refine.overall_SU_ML                            0.191 
_refine.overall_SU_B                             9.028 
_refine.ls_redundancy_reflns_obs                 ? 
_refine.B_iso_min                                ? 
_refine.B_iso_max                                ? 
_refine.overall_SU_R_Cruickshank_DPI             ? 
_refine.overall_SU_R_free                        ? 
_refine.ls_wR_factor_R_free                      ? 
_refine.ls_wR_factor_R_work                      ? 
_refine.overall_FOM_free_R_set                   ? 
_refine.overall_FOM_work_R_set                   ? 
_refine.pdbx_refine_id                           'X-RAY DIFFRACTION' 
_refine.pdbx_diffrn_id                           1 
_refine.pdbx_TLS_residual_ADP_flag               ? 
_refine.pdbx_overall_phase_error                 ? 
_refine.pdbx_overall_SU_R_free_Cruickshank_DPI   ? 
_refine.pdbx_overall_SU_R_Blow_DPI               ? 
_refine.pdbx_overall_SU_R_free_Blow_DPI          ? 
# 
_refine_hist.pdbx_refine_id                   'X-RAY DIFFRACTION' 
_refine_hist.cycle_id                         LAST 
_refine_hist.pdbx_number_atoms_protein        611 
_refine_hist.pdbx_number_atoms_nucleic_acid   0 
_refine_hist.pdbx_number_atoms_ligand         12 
_refine_hist.number_atoms_solvent             6 
_refine_hist.number_atoms_total               629 
_refine_hist.d_res_high                       2.55 
_refine_hist.d_res_low                        22.27 
# 
loop_
_refine_ls_restr.type 
_refine_ls_restr.dev_ideal 
_refine_ls_restr.dev_ideal_target 
_refine_ls_restr.weight 
_refine_ls_restr.number 
_refine_ls_restr.pdbx_refine_id 
_refine_ls_restr.pdbx_restraint_function 
r_bond_refined_d             0.030  0.022  ? 632 'X-RAY DIFFRACTION' ? 
r_bond_other_d               ?      ?      ? ?   'X-RAY DIFFRACTION' ? 
r_angle_refined_deg          2.805  1.975  ? 851 'X-RAY DIFFRACTION' ? 
r_angle_other_deg            ?      ?      ? ?   'X-RAY DIFFRACTION' ? 
r_dihedral_angle_1_deg       9.583  5.000  ? 75  'X-RAY DIFFRACTION' ? 
r_dihedral_angle_2_deg       39.272 25.882 ? 34  'X-RAY DIFFRACTION' ? 
r_dihedral_angle_3_deg       22.974 15.000 ? 108 'X-RAY DIFFRACTION' ? 
r_dihedral_angle_4_deg       15.402 15.000 ? 3   'X-RAY DIFFRACTION' ? 
r_chiral_restr               0.154  0.200  ? 94  'X-RAY DIFFRACTION' ? 
r_gen_planes_refined         0.010  0.020  ? 481 'X-RAY DIFFRACTION' ? 
r_gen_planes_other           ?      ?      ? ?   'X-RAY DIFFRACTION' ? 
r_nbd_refined                0.296  0.200  ? 278 'X-RAY DIFFRACTION' ? 
r_nbd_other                  ?      ?      ? ?   'X-RAY DIFFRACTION' ? 
r_nbtor_refined              0.351  0.200  ? 428 'X-RAY DIFFRACTION' ? 
r_nbtor_other                ?      ?      ? ?   'X-RAY DIFFRACTION' ? 
r_xyhbond_nbd_refined        0.189  0.200  ? 35  'X-RAY DIFFRACTION' ? 
r_xyhbond_nbd_other          ?      ?      ? ?   'X-RAY DIFFRACTION' ? 
r_metal_ion_refined          ?      ?      ? ?   'X-RAY DIFFRACTION' ? 
r_metal_ion_other            ?      ?      ? ?   'X-RAY DIFFRACTION' ? 
r_symmetry_vdw_refined       0.304  0.200  ? 25  'X-RAY DIFFRACTION' ? 
r_symmetry_vdw_other         ?      ?      ? ?   'X-RAY DIFFRACTION' ? 
r_symmetry_hbond_refined     0.062  0.200  ? 1   'X-RAY DIFFRACTION' ? 
r_symmetry_hbond_other       ?      ?      ? ?   'X-RAY DIFFRACTION' ? 
r_symmetry_metal_ion_refined ?      ?      ? ?   'X-RAY DIFFRACTION' ? 
r_symmetry_metal_ion_other   ?      ?      ? ?   'X-RAY DIFFRACTION' ? 
r_mcbond_it                  1.629  1.500  ? 389 'X-RAY DIFFRACTION' ? 
r_mcbond_other               ?      ?      ? ?   'X-RAY DIFFRACTION' ? 
r_mcangle_it                 2.773  2.000  ? 612 'X-RAY DIFFRACTION' ? 
r_scbond_it                  4.062  3.000  ? 270 'X-RAY DIFFRACTION' ? 
r_scangle_it                 6.582  4.500  ? 239 'X-RAY DIFFRACTION' ? 
r_rigid_bond_restr           ?      ?      ? ?   'X-RAY DIFFRACTION' ? 
r_sphericity_free            ?      ?      ? ?   'X-RAY DIFFRACTION' ? 
r_sphericity_bonded          ?      ?      ? ?   'X-RAY DIFFRACTION' ? 
# 
_refine_ls_shell.pdbx_total_number_of_bins_used   20 
_refine_ls_shell.d_res_high                       2.55 
_refine_ls_shell.d_res_low                        2.613 
_refine_ls_shell.number_reflns_R_work             402 
_refine_ls_shell.R_factor_R_work                  0.393 
_refine_ls_shell.percent_reflns_obs               94.74 
_refine_ls_shell.R_factor_R_free                  0.402 
_refine_ls_shell.R_factor_R_free_error            ? 
_refine_ls_shell.percent_reflns_R_free            ? 
_refine_ls_shell.number_reflns_R_free             30 
_refine_ls_shell.number_reflns_all                ? 
_refine_ls_shell.R_factor_all                     ? 
_refine_ls_shell.number_reflns_obs                432 
_refine_ls_shell.redundancy_reflns_obs            ? 
_refine_ls_shell.pdbx_refine_id                   'X-RAY DIFFRACTION' 
# 
_struct.entry_id                  2O3G 
_struct.title                     
'Structural Genomics, the crystal structure of a conserved putative domain from Neisseria meningitidis MC58' 
_struct.pdbx_model_details        ? 
_struct.pdbx_CASP_flag            ? 
_struct.pdbx_model_type_details   ? 
# 
_struct_keywords.entry_id        2O3G 
_struct_keywords.pdbx_keywords   'MEMBRANE PROTEIN' 
_struct_keywords.text            
;APC85631.1, conserved putative protein, Neisseria meningitidis MC58, structural genomics, PSI-2, protein structure initiative, midwest center for structural genomics, MCSG, MEMBRANE PROTEIN
;
# 
loop_
_struct_asym.id 
_struct_asym.pdbx_blank_PDB_chainid_flag 
_struct_asym.pdbx_modified 
_struct_asym.entity_id 
_struct_asym.details 
A N N 1 ? 
B N N 2 ? 
C N N 2 ? 
D N N 2 ? 
E N N 3 ? 
# 
_struct_ref.id                         1 
_struct_ref.db_name                    UNP 
_struct_ref.db_code                    Q9JYP7_NEIMB 
_struct_ref.pdbx_db_accession          Q9JYP7 
_struct_ref.entity_id                  1 
_struct_ref.pdbx_seq_one_letter_code   
;EREEEPAVQGNPDESLTVEGALEYVELAPQLNLPQQEEDADFHTVAGLIMEELQTIPDVGDFADFHGWRFEVVEKEGQRI
ERVKITKLP
;
_struct_ref.pdbx_align_begin           428 
_struct_ref.pdbx_db_isoform            ? 
# 
_struct_ref_seq.align_id                      1 
_struct_ref_seq.ref_id                        1 
_struct_ref_seq.pdbx_PDB_id_code              2O3G 
_struct_ref_seq.pdbx_strand_id                A 
_struct_ref_seq.seq_align_beg                 4 
_struct_ref_seq.pdbx_seq_align_beg_ins_code   ? 
_struct_ref_seq.seq_align_end                 92 
_struct_ref_seq.pdbx_seq_align_end_ins_code   ? 
_struct_ref_seq.pdbx_db_accession             Q9JYP7 
_struct_ref_seq.db_align_beg                  428 
_struct_ref_seq.pdbx_db_align_beg_ins_code    ? 
_struct_ref_seq.db_align_end                  516 
_struct_ref_seq.pdbx_db_align_end_ins_code    ? 
_struct_ref_seq.pdbx_auth_seq_align_beg       167 
_struct_ref_seq.pdbx_auth_seq_align_end       255 
# 
loop_
_struct_ref_seq_dif.align_id 
_struct_ref_seq_dif.pdbx_pdb_id_code 
_struct_ref_seq_dif.mon_id 
_struct_ref_seq_dif.pdbx_pdb_strand_id 
_struct_ref_seq_dif.seq_num 
_struct_ref_seq_dif.pdbx_pdb_ins_code 
_struct_ref_seq_dif.pdbx_seq_db_name 
_struct_ref_seq_dif.pdbx_seq_db_accession_code 
_struct_ref_seq_dif.db_mon_id 
_struct_ref_seq_dif.pdbx_seq_db_seq_num 
_struct_ref_seq_dif.details 
_struct_ref_seq_dif.pdbx_auth_seq_num 
_struct_ref_seq_dif.pdbx_ordinal 
1 2O3G SER A 1  ? UNP Q9JYP7 ?   ?   'cloning artifact' 164 1 
1 2O3G ASN A 2  ? UNP Q9JYP7 ?   ?   'cloning artifact' 165 2 
1 2O3G ALA A 3  ? UNP Q9JYP7 ?   ?   'cloning artifact' 166 3 
1 2O3G MSE A 53 ? UNP Q9JYP7 MET 477 'modified residue' 216 4 
# 
_pdbx_struct_assembly.id                   1 
_pdbx_struct_assembly.details              author_defined_assembly 
_pdbx_struct_assembly.method_details       ? 
_pdbx_struct_assembly.oligomeric_details   monomeric 
_pdbx_struct_assembly.oligomeric_count     1 
# 
_pdbx_struct_assembly_gen.assembly_id       1 
_pdbx_struct_assembly_gen.oper_expression   1 
_pdbx_struct_assembly_gen.asym_id_list      A,B,C,D,E 
# 
_pdbx_struct_oper_list.id                   1 
_pdbx_struct_oper_list.type                 'identity operation' 
_pdbx_struct_oper_list.name                 1_555 
_pdbx_struct_oper_list.symmetry_operation   x,y,z 
_pdbx_struct_oper_list.matrix[1][1]         1.0000000000 
_pdbx_struct_oper_list.matrix[1][2]         0.0000000000 
_pdbx_struct_oper_list.matrix[1][3]         0.0000000000 
_pdbx_struct_oper_list.vector[1]            0.0000000000 
_pdbx_struct_oper_list.matrix[2][1]         0.0000000000 
_pdbx_struct_oper_list.matrix[2][2]         1.0000000000 
_pdbx_struct_oper_list.matrix[2][3]         0.0000000000 
_pdbx_struct_oper_list.vector[2]            0.0000000000 
_pdbx_struct_oper_list.matrix[3][1]         0.0000000000 
_pdbx_struct_oper_list.matrix[3][2]         0.0000000000 
_pdbx_struct_oper_list.matrix[3][3]         1.0000000000 
_pdbx_struct_oper_list.vector[3]            0.0000000000 
# 
_struct_biol.id   1 
# 
loop_
_struct_conf.conf_type_id 
_struct_conf.id 
_struct_conf.pdbx_PDB_helix_id 
_struct_conf.beg_label_comp_id 
_struct_conf.beg_label_asym_id 
_struct_conf.beg_label_seq_id 
_struct_conf.pdbx_beg_PDB_ins_code 
_struct_conf.end_label_comp_id 
_struct_conf.end_label_asym_id 
_struct_conf.end_label_seq_id 
_struct_conf.pdbx_end_PDB_ins_code 
_struct_conf.beg_auth_comp_id 
_struct_conf.beg_auth_asym_id 
_struct_conf.beg_auth_seq_id 
_struct_conf.end_auth_comp_id 
_struct_conf.end_auth_asym_id 
_struct_conf.end_auth_seq_id 
_struct_conf.pdbx_PDB_helix_class 
_struct_conf.details 
_struct_conf.pdbx_PDB_helix_length 
HELX_P HELX_P1 1 GLU A 26 ? ALA A 31 ? GLU A 189 ALA A 194 1 ? 6  
HELX_P HELX_P2 2 THR A 47 ? GLN A 57 ? THR A 210 GLN A 220 1 ? 11 
# 
_struct_conf_type.id          HELX_P 
_struct_conf_type.criteria    ? 
_struct_conf_type.reference   ? 
# 
loop_
_struct_conn.id 
_struct_conn.conn_type_id 
_struct_conn.pdbx_leaving_atom_flag 
_struct_conn.pdbx_PDB_id 
_struct_conn.ptnr1_label_asym_id 
_struct_conn.ptnr1_label_comp_id 
_struct_conn.ptnr1_label_seq_id 
_struct_conn.ptnr1_label_atom_id 
_struct_conn.pdbx_ptnr1_label_alt_id 
_struct_conn.pdbx_ptnr1_PDB_ins_code 
_struct_conn.pdbx_ptnr1_standard_comp_id 
_struct_conn.ptnr1_symmetry 
_struct_conn.ptnr2_label_asym_id 
_struct_conn.ptnr2_label_comp_id 
_struct_conn.ptnr2_label_seq_id 
_struct_conn.ptnr2_label_atom_id 
_struct_conn.pdbx_ptnr2_label_alt_id 
_struct_conn.pdbx_ptnr2_PDB_ins_code 
_struct_conn.ptnr1_auth_asym_id 
_struct_conn.ptnr1_auth_comp_id 
_struct_conn.ptnr1_auth_seq_id 
_struct_conn.ptnr2_auth_asym_id 
_struct_conn.ptnr2_auth_comp_id 
_struct_conn.ptnr2_auth_seq_id 
_struct_conn.ptnr2_symmetry 
_struct_conn.pdbx_ptnr3_label_atom_id 
_struct_conn.pdbx_ptnr3_label_seq_id 
_struct_conn.pdbx_ptnr3_label_comp_id 
_struct_conn.pdbx_ptnr3_label_asym_id 
_struct_conn.pdbx_ptnr3_label_alt_id 
_struct_conn.pdbx_ptnr3_PDB_ins_code 
_struct_conn.details 
_struct_conn.pdbx_dist_value 
_struct_conn.pdbx_value_order 
_struct_conn.pdbx_role 
covale1 covale both ? A ILE 52 C ? ? ? 1_555 A MSE 53 N ? ? A ILE 215 A MSE 216 1_555 ? ? ? ? ? ? ? 1.334 ? ? 
covale2 covale both ? A MSE 53 C ? ? ? 1_555 A GLU 54 N ? ? A MSE 216 A GLU 217 1_555 ? ? ? ? ? ? ? 1.330 ? ? 
# 
_struct_conn_type.id          covale 
_struct_conn_type.criteria    ? 
_struct_conn_type.reference   ? 
# 
_pdbx_modification_feature.ordinal                            1 
_pdbx_modification_feature.label_comp_id                      MSE 
_pdbx_modification_feature.label_asym_id                      A 
_pdbx_modification_feature.label_seq_id                       53 
_pdbx_modification_feature.label_alt_id                       ? 
_pdbx_modification_feature.modified_residue_label_comp_id     . 
_pdbx_modification_feature.modified_residue_label_asym_id     . 
_pdbx_modification_feature.modified_residue_label_seq_id      . 
_pdbx_modification_feature.modified_residue_label_alt_id      . 
_pdbx_modification_feature.auth_comp_id                       MSE 
_pdbx_modification_feature.auth_asym_id                       A 
_pdbx_modification_feature.auth_seq_id                        216 
_pdbx_modification_feature.PDB_ins_code                       ? 
_pdbx_modification_feature.symmetry                           1_555 
_pdbx_modification_feature.modified_residue_auth_comp_id      . 
_pdbx_modification_feature.modified_residue_auth_asym_id      . 
_pdbx_modification_feature.modified_residue_auth_seq_id       . 
_pdbx_modification_feature.modified_residue_PDB_ins_code      . 
_pdbx_modification_feature.modified_residue_symmetry          . 
_pdbx_modification_feature.comp_id_linking_atom               . 
_pdbx_modification_feature.modified_residue_id_linking_atom   . 
_pdbx_modification_feature.modified_residue_id                MET 
_pdbx_modification_feature.ref_pcm_id                         1 
_pdbx_modification_feature.ref_comp_id                        MSE 
_pdbx_modification_feature.type                               Selenomethionine 
_pdbx_modification_feature.category                           'Named protein modification' 
# 
_struct_sheet.id               A 
_struct_sheet.type             ? 
_struct_sheet.number_strands   4 
_struct_sheet.details          ? 
# 
loop_
_struct_sheet_order.sheet_id 
_struct_sheet_order.range_id_1 
_struct_sheet_order.range_id_2 
_struct_sheet_order.offset 
_struct_sheet_order.sense 
A 1 2 ? anti-parallel 
A 2 3 ? anti-parallel 
A 3 4 ? anti-parallel 
# 
loop_
_struct_sheet_range.sheet_id 
_struct_sheet_range.id 
_struct_sheet_range.beg_label_comp_id 
_struct_sheet_range.beg_label_asym_id 
_struct_sheet_range.beg_label_seq_id 
_struct_sheet_range.pdbx_beg_PDB_ins_code 
_struct_sheet_range.end_label_comp_id 
_struct_sheet_range.end_label_asym_id 
_struct_sheet_range.end_label_seq_id 
_struct_sheet_range.pdbx_end_PDB_ins_code 
_struct_sheet_range.beg_auth_comp_id 
_struct_sheet_range.beg_auth_asym_id 
_struct_sheet_range.beg_auth_seq_id 
_struct_sheet_range.end_auth_comp_id 
_struct_sheet_range.end_auth_asym_id 
_struct_sheet_range.end_auth_seq_id 
A 1 THR A 20 ? GLU A 22 ? THR A 183 GLU A 185 
A 2 ARG A 82 ? LYS A 90 ? ARG A 245 LYS A 253 
A 3 TRP A 71 ? GLU A 79 ? TRP A 234 GLU A 242 
A 4 PHE A 65 ? PHE A 68 ? PHE A 228 PHE A 231 
# 
loop_
_pdbx_struct_sheet_hbond.sheet_id 
_pdbx_struct_sheet_hbond.range_id_1 
_pdbx_struct_sheet_hbond.range_id_2 
_pdbx_struct_sheet_hbond.range_1_label_atom_id 
_pdbx_struct_sheet_hbond.range_1_label_comp_id 
_pdbx_struct_sheet_hbond.range_1_label_asym_id 
_pdbx_struct_sheet_hbond.range_1_label_seq_id 
_pdbx_struct_sheet_hbond.range_1_PDB_ins_code 
_pdbx_struct_sheet_hbond.range_1_auth_atom_id 
_pdbx_struct_sheet_hbond.range_1_auth_comp_id 
_pdbx_struct_sheet_hbond.range_1_auth_asym_id 
_pdbx_struct_sheet_hbond.range_1_auth_seq_id 
_pdbx_struct_sheet_hbond.range_2_label_atom_id 
_pdbx_struct_sheet_hbond.range_2_label_comp_id 
_pdbx_struct_sheet_hbond.range_2_label_asym_id 
_pdbx_struct_sheet_hbond.range_2_label_seq_id 
_pdbx_struct_sheet_hbond.range_2_PDB_ins_code 
_pdbx_struct_sheet_hbond.range_2_auth_atom_id 
_pdbx_struct_sheet_hbond.range_2_auth_comp_id 
_pdbx_struct_sheet_hbond.range_2_auth_asym_id 
_pdbx_struct_sheet_hbond.range_2_auth_seq_id 
A 1 2 N VAL A 21 ? N VAL A 184 O VAL A 86 ? O VAL A 249 
A 2 3 O ARG A 85 ? O ARG A 248 N VAL A 76 ? N VAL A 239 
A 3 4 O TRP A 71 ? O TRP A 234 N PHE A 68 ? N PHE A 231 
# 
loop_
_struct_site.id 
_struct_site.pdbx_evidence_code 
_struct_site.pdbx_auth_asym_id 
_struct_site.pdbx_auth_comp_id 
_struct_site.pdbx_auth_seq_id 
_struct_site.pdbx_auth_ins_code 
_struct_site.pdbx_num_residues 
_struct_site.details 
AC1 Software A EDO 101 ? 5 'BINDING SITE FOR RESIDUE EDO A 101' 
AC2 Software A EDO 102 ? 3 'BINDING SITE FOR RESIDUE EDO A 102' 
AC3 Software A EDO 103 ? 2 'BINDING SITE FOR RESIDUE EDO A 103' 
# 
loop_
_struct_site_gen.id 
_struct_site_gen.site_id 
_struct_site_gen.pdbx_num_res 
_struct_site_gen.label_comp_id 
_struct_site_gen.label_asym_id 
_struct_site_gen.label_seq_id 
_struct_site_gen.pdbx_auth_ins_code 
_struct_site_gen.auth_comp_id 
_struct_site_gen.auth_asym_id 
_struct_site_gen.auth_seq_id 
_struct_site_gen.label_atom_id 
_struct_site_gen.label_alt_id 
_struct_site_gen.symmetry 
_struct_site_gen.details 
1  AC1 5 PHE A 45 ? PHE A 208 . ? 13_556 ? 
2  AC1 5 HIS A 46 ? HIS A 209 . ? 13_556 ? 
3  AC1 5 THR A 47 ? THR A 210 . ? 13_556 ? 
4  AC1 5 GLN A 81 ? GLN A 244 . ? 1_555  ? 
5  AC1 5 ARG A 82 ? ARG A 245 . ? 1_555  ? 
6  AC2 3 GLU A 55 ? GLU A 218 . ? 1_555  ? 
7  AC2 3 PHE A 68 ? PHE A 231 . ? 1_555  ? 
8  AC2 3 HIS A 69 ? HIS A 232 . ? 1_555  ? 
9  AC3 2 ARG A 72 ? ARG A 235 . ? 1_555  ? 
10 AC3 2 LEU A 91 ? LEU A 254 . ? 1_555  ? 
# 
_pdbx_entry_details.entry_id                   2O3G 
_pdbx_entry_details.compound_details           ? 
_pdbx_entry_details.source_details             ? 
_pdbx_entry_details.nonpolymer_details         ? 
_pdbx_entry_details.sequence_details           ? 
_pdbx_entry_details.has_ligand_of_interest     ? 
_pdbx_entry_details.has_protein_modification   Y 
# 
loop_
_pdbx_validate_rmsd_angle.id 
_pdbx_validate_rmsd_angle.PDB_model_num 
_pdbx_validate_rmsd_angle.auth_atom_id_1 
_pdbx_validate_rmsd_angle.auth_asym_id_1 
_pdbx_validate_rmsd_angle.auth_comp_id_1 
_pdbx_validate_rmsd_angle.auth_seq_id_1 
_pdbx_validate_rmsd_angle.PDB_ins_code_1 
_pdbx_validate_rmsd_angle.label_alt_id_1 
_pdbx_validate_rmsd_angle.auth_atom_id_2 
_pdbx_validate_rmsd_angle.auth_asym_id_2 
_pdbx_validate_rmsd_angle.auth_comp_id_2 
_pdbx_validate_rmsd_angle.auth_seq_id_2 
_pdbx_validate_rmsd_angle.PDB_ins_code_2 
_pdbx_validate_rmsd_angle.label_alt_id_2 
_pdbx_validate_rmsd_angle.auth_atom_id_3 
_pdbx_validate_rmsd_angle.auth_asym_id_3 
_pdbx_validate_rmsd_angle.auth_comp_id_3 
_pdbx_validate_rmsd_angle.auth_seq_id_3 
_pdbx_validate_rmsd_angle.PDB_ins_code_3 
_pdbx_validate_rmsd_angle.label_alt_id_3 
_pdbx_validate_rmsd_angle.angle_value 
_pdbx_validate_rmsd_angle.angle_target_value 
_pdbx_validate_rmsd_angle.angle_deviation 
_pdbx_validate_rmsd_angle.angle_standard_deviation 
_pdbx_validate_rmsd_angle.linker_flag 
1 1 CB A LEU 182 ? ? CG A LEU 182 ? ? CD1 A LEU 182 ? ? 97.54 111.00 -13.46 1.70 N 
2 1 CD A LYS 253 ? ? CE A LYS 253 ? ? NZ  A LYS 253 ? ? 95.14 111.70 -16.56 2.30 N 
# 
loop_
_pdbx_validate_torsion.id 
_pdbx_validate_torsion.PDB_model_num 
_pdbx_validate_torsion.auth_comp_id 
_pdbx_validate_torsion.auth_asym_id 
_pdbx_validate_torsion.auth_seq_id 
_pdbx_validate_torsion.PDB_ins_code 
_pdbx_validate_torsion.label_alt_id 
_pdbx_validate_torsion.phi 
_pdbx_validate_torsion.psi 
1 1 SER A 181 ? ? -15.68 95.80  
2 1 LEU A 182 ? ? 70.48  66.44  
3 1 TYR A 190 ? ? -39.46 -37.50 
4 1 ASN A 198 ? ? 33.02  43.59  
5 1 ASP A 205 ? ? -73.45 24.61  
6 1 ALA A 206 ? ? -25.16 114.84 
# 
_pdbx_validate_peptide_omega.id               1 
_pdbx_validate_peptide_omega.PDB_model_num    1 
_pdbx_validate_peptide_omega.auth_comp_id_1   GLU 
_pdbx_validate_peptide_omega.auth_asym_id_1   A 
_pdbx_validate_peptide_omega.auth_seq_id_1    180 
_pdbx_validate_peptide_omega.PDB_ins_code_1   ? 
_pdbx_validate_peptide_omega.label_alt_id_1   ? 
_pdbx_validate_peptide_omega.auth_comp_id_2   SER 
_pdbx_validate_peptide_omega.auth_asym_id_2   A 
_pdbx_validate_peptide_omega.auth_seq_id_2    181 
_pdbx_validate_peptide_omega.PDB_ins_code_2   ? 
_pdbx_validate_peptide_omega.label_alt_id_2   ? 
_pdbx_validate_peptide_omega.omega            149.73 
# 
_pdbx_SG_project.id                    1 
_pdbx_SG_project.project_name          'PSI, Protein Structure Initiative' 
_pdbx_SG_project.full_name_of_center   'Midwest Center for Structural Genomics' 
_pdbx_SG_project.initial_of_center     MCSG 
# 
_pdbx_struct_mod_residue.id               1 
_pdbx_struct_mod_residue.label_asym_id    A 
_pdbx_struct_mod_residue.label_comp_id    MSE 
_pdbx_struct_mod_residue.label_seq_id     53 
_pdbx_struct_mod_residue.auth_asym_id     A 
_pdbx_struct_mod_residue.auth_comp_id     MSE 
_pdbx_struct_mod_residue.auth_seq_id      216 
_pdbx_struct_mod_residue.PDB_ins_code     ? 
_pdbx_struct_mod_residue.parent_comp_id   MET 
_pdbx_struct_mod_residue.details          SELENOMETHIONINE 
# 
_pdbx_database_remark.id     300 
_pdbx_database_remark.text   
;
BIOMOLECULE: 1
THIS ENTRY CONTAINS THE CRYSTALLOGRAPHIC ASYMMETRIC UNIT
WHICH CONSISTS OF 1 CHAIN(S). AUTHORS STATE THAT THE
BIOLOGICAL UNIT OF THIS PROTEIN IS UNKNOWN.
;
# 
loop_
_pdbx_unobs_or_zero_occ_residues.id 
_pdbx_unobs_or_zero_occ_residues.PDB_model_num 
_pdbx_unobs_or_zero_occ_residues.polymer_flag 
_pdbx_unobs_or_zero_occ_residues.occupancy_flag 
_pdbx_unobs_or_zero_occ_residues.auth_asym_id 
_pdbx_unobs_or_zero_occ_residues.auth_comp_id 
_pdbx_unobs_or_zero_occ_residues.auth_seq_id 
_pdbx_unobs_or_zero_occ_residues.PDB_ins_code 
_pdbx_unobs_or_zero_occ_residues.label_asym_id 
_pdbx_unobs_or_zero_occ_residues.label_comp_id 
_pdbx_unobs_or_zero_occ_residues.label_seq_id 
1  1 Y 1 A SER 164 ? A SER 1  
2  1 Y 1 A ASN 165 ? A ASN 2  
3  1 Y 1 A ALA 166 ? A ALA 3  
4  1 Y 1 A GLU 167 ? A GLU 4  
5  1 Y 1 A ARG 168 ? A ARG 5  
6  1 Y 1 A GLU 169 ? A GLU 6  
7  1 Y 1 A GLU 170 ? A GLU 7  
8  1 Y 1 A GLU 171 ? A GLU 8  
9  1 Y 1 A PRO 172 ? A PRO 9  
10 1 Y 1 A ALA 173 ? A ALA 10 
11 1 Y 1 A VAL 174 ? A VAL 11 
12 1 Y 1 A GLN 175 ? A GLN 12 
13 1 Y 1 A GLY 176 ? A GLY 13 
14 1 Y 1 A ASN 177 ? A ASN 14 
15 1 Y 1 A PRO 178 ? A PRO 15 
16 1 Y 1 A ASP 179 ? A ASP 16 
# 
loop_
_chem_comp_atom.comp_id 
_chem_comp_atom.atom_id 
_chem_comp_atom.type_symbol 
_chem_comp_atom.pdbx_aromatic_flag 
_chem_comp_atom.pdbx_stereo_config 
_chem_comp_atom.pdbx_ordinal 
ALA N    N  N N 1   
ALA CA   C  N S 2   
ALA C    C  N N 3   
ALA O    O  N N 4   
ALA CB   C  N N 5   
ALA OXT  O  N N 6   
ALA H    H  N N 7   
ALA H2   H  N N 8   
ALA HA   H  N N 9   
ALA HB1  H  N N 10  
ALA HB2  H  N N 11  
ALA HB3  H  N N 12  
ALA HXT  H  N N 13  
ARG N    N  N N 14  
ARG CA   C  N S 15  
ARG C    C  N N 16  
ARG O    O  N N 17  
ARG CB   C  N N 18  
ARG CG   C  N N 19  
ARG CD   C  N N 20  
ARG NE   N  N N 21  
ARG CZ   C  N N 22  
ARG NH1  N  N N 23  
ARG NH2  N  N N 24  
ARG OXT  O  N N 25  
ARG H    H  N N 26  
ARG H2   H  N N 27  
ARG HA   H  N N 28  
ARG HB2  H  N N 29  
ARG HB3  H  N N 30  
ARG HG2  H  N N 31  
ARG HG3  H  N N 32  
ARG HD2  H  N N 33  
ARG HD3  H  N N 34  
ARG HE   H  N N 35  
ARG HH11 H  N N 36  
ARG HH12 H  N N 37  
ARG HH21 H  N N 38  
ARG HH22 H  N N 39  
ARG HXT  H  N N 40  
ASN N    N  N N 41  
ASN CA   C  N S 42  
ASN C    C  N N 43  
ASN O    O  N N 44  
ASN CB   C  N N 45  
ASN CG   C  N N 46  
ASN OD1  O  N N 47  
ASN ND2  N  N N 48  
ASN OXT  O  N N 49  
ASN H    H  N N 50  
ASN H2   H  N N 51  
ASN HA   H  N N 52  
ASN HB2  H  N N 53  
ASN HB3  H  N N 54  
ASN HD21 H  N N 55  
ASN HD22 H  N N 56  
ASN HXT  H  N N 57  
ASP N    N  N N 58  
ASP CA   C  N S 59  
ASP C    C  N N 60  
ASP O    O  N N 61  
ASP CB   C  N N 62  
ASP CG   C  N N 63  
ASP OD1  O  N N 64  
ASP OD2  O  N N 65  
ASP OXT  O  N N 66  
ASP H    H  N N 67  
ASP H2   H  N N 68  
ASP HA   H  N N 69  
ASP HB2  H  N N 70  
ASP HB3  H  N N 71  
ASP HD2  H  N N 72  
ASP HXT  H  N N 73  
EDO C1   C  N N 74  
EDO O1   O  N N 75  
EDO C2   C  N N 76  
EDO O2   O  N N 77  
EDO H11  H  N N 78  
EDO H12  H  N N 79  
EDO HO1  H  N N 80  
EDO H21  H  N N 81  
EDO H22  H  N N 82  
EDO HO2  H  N N 83  
GLN N    N  N N 84  
GLN CA   C  N S 85  
GLN C    C  N N 86  
GLN O    O  N N 87  
GLN CB   C  N N 88  
GLN CG   C  N N 89  
GLN CD   C  N N 90  
GLN OE1  O  N N 91  
GLN NE2  N  N N 92  
GLN OXT  O  N N 93  
GLN H    H  N N 94  
GLN H2   H  N N 95  
GLN HA   H  N N 96  
GLN HB2  H  N N 97  
GLN HB3  H  N N 98  
GLN HG2  H  N N 99  
GLN HG3  H  N N 100 
GLN HE21 H  N N 101 
GLN HE22 H  N N 102 
GLN HXT  H  N N 103 
GLU N    N  N N 104 
GLU CA   C  N S 105 
GLU C    C  N N 106 
GLU O    O  N N 107 
GLU CB   C  N N 108 
GLU CG   C  N N 109 
GLU CD   C  N N 110 
GLU OE1  O  N N 111 
GLU OE2  O  N N 112 
GLU OXT  O  N N 113 
GLU H    H  N N 114 
GLU H2   H  N N 115 
GLU HA   H  N N 116 
GLU HB2  H  N N 117 
GLU HB3  H  N N 118 
GLU HG2  H  N N 119 
GLU HG3  H  N N 120 
GLU HE2  H  N N 121 
GLU HXT  H  N N 122 
GLY N    N  N N 123 
GLY CA   C  N N 124 
GLY C    C  N N 125 
GLY O    O  N N 126 
GLY OXT  O  N N 127 
GLY H    H  N N 128 
GLY H2   H  N N 129 
GLY HA2  H  N N 130 
GLY HA3  H  N N 131 
GLY HXT  H  N N 132 
HIS N    N  N N 133 
HIS CA   C  N S 134 
HIS C    C  N N 135 
HIS O    O  N N 136 
HIS CB   C  N N 137 
HIS CG   C  Y N 138 
HIS ND1  N  Y N 139 
HIS CD2  C  Y N 140 
HIS CE1  C  Y N 141 
HIS NE2  N  Y N 142 
HIS OXT  O  N N 143 
HIS H    H  N N 144 
HIS H2   H  N N 145 
HIS HA   H  N N 146 
HIS HB2  H  N N 147 
HIS HB3  H  N N 148 
HIS HD1  H  N N 149 
HIS HD2  H  N N 150 
HIS HE1  H  N N 151 
HIS HE2  H  N N 152 
HIS HXT  H  N N 153 
HOH O    O  N N 154 
HOH H1   H  N N 155 
HOH H2   H  N N 156 
ILE N    N  N N 157 
ILE CA   C  N S 158 
ILE C    C  N N 159 
ILE O    O  N N 160 
ILE CB   C  N S 161 
ILE CG1  C  N N 162 
ILE CG2  C  N N 163 
ILE CD1  C  N N 164 
ILE OXT  O  N N 165 
ILE H    H  N N 166 
ILE H2   H  N N 167 
ILE HA   H  N N 168 
ILE HB   H  N N 169 
ILE HG12 H  N N 170 
ILE HG13 H  N N 171 
ILE HG21 H  N N 172 
ILE HG22 H  N N 173 
ILE HG23 H  N N 174 
ILE HD11 H  N N 175 
ILE HD12 H  N N 176 
ILE HD13 H  N N 177 
ILE HXT  H  N N 178 
LEU N    N  N N 179 
LEU CA   C  N S 180 
LEU C    C  N N 181 
LEU O    O  N N 182 
LEU CB   C  N N 183 
LEU CG   C  N N 184 
LEU CD1  C  N N 185 
LEU CD2  C  N N 186 
LEU OXT  O  N N 187 
LEU H    H  N N 188 
LEU H2   H  N N 189 
LEU HA   H  N N 190 
LEU HB2  H  N N 191 
LEU HB3  H  N N 192 
LEU HG   H  N N 193 
LEU HD11 H  N N 194 
LEU HD12 H  N N 195 
LEU HD13 H  N N 196 
LEU HD21 H  N N 197 
LEU HD22 H  N N 198 
LEU HD23 H  N N 199 
LEU HXT  H  N N 200 
LYS N    N  N N 201 
LYS CA   C  N S 202 
LYS C    C  N N 203 
LYS O    O  N N 204 
LYS CB   C  N N 205 
LYS CG   C  N N 206 
LYS CD   C  N N 207 
LYS CE   C  N N 208 
LYS NZ   N  N N 209 
LYS OXT  O  N N 210 
LYS H    H  N N 211 
LYS H2   H  N N 212 
LYS HA   H  N N 213 
LYS HB2  H  N N 214 
LYS HB3  H  N N 215 
LYS HG2  H  N N 216 
LYS HG3  H  N N 217 
LYS HD2  H  N N 218 
LYS HD3  H  N N 219 
LYS HE2  H  N N 220 
LYS HE3  H  N N 221 
LYS HZ1  H  N N 222 
LYS HZ2  H  N N 223 
LYS HZ3  H  N N 224 
LYS HXT  H  N N 225 
MET N    N  N N 226 
MET CA   C  N S 227 
MET C    C  N N 228 
MET O    O  N N 229 
MET CB   C  N N 230 
MET CG   C  N N 231 
MET SD   S  N N 232 
MET CE   C  N N 233 
MET OXT  O  N N 234 
MET H    H  N N 235 
MET H2   H  N N 236 
MET HA   H  N N 237 
MET HB2  H  N N 238 
MET HB3  H  N N 239 
MET HG2  H  N N 240 
MET HG3  H  N N 241 
MET HE1  H  N N 242 
MET HE2  H  N N 243 
MET HE3  H  N N 244 
MET HXT  H  N N 245 
MSE N    N  N N 246 
MSE CA   C  N S 247 
MSE C    C  N N 248 
MSE O    O  N N 249 
MSE OXT  O  N N 250 
MSE CB   C  N N 251 
MSE CG   C  N N 252 
MSE SE   SE N N 253 
MSE CE   C  N N 254 
MSE H    H  N N 255 
MSE H2   H  N N 256 
MSE HA   H  N N 257 
MSE HXT  H  N N 258 
MSE HB2  H  N N 259 
MSE HB3  H  N N 260 
MSE HG2  H  N N 261 
MSE HG3  H  N N 262 
MSE HE1  H  N N 263 
MSE HE2  H  N N 264 
MSE HE3  H  N N 265 
PHE N    N  N N 266 
PHE CA   C  N S 267 
PHE C    C  N N 268 
PHE O    O  N N 269 
PHE CB   C  N N 270 
PHE CG   C  Y N 271 
PHE CD1  C  Y N 272 
PHE CD2  C  Y N 273 
PHE CE1  C  Y N 274 
PHE CE2  C  Y N 275 
PHE CZ   C  Y N 276 
PHE OXT  O  N N 277 
PHE H    H  N N 278 
PHE H2   H  N N 279 
PHE HA   H  N N 280 
PHE HB2  H  N N 281 
PHE HB3  H  N N 282 
PHE HD1  H  N N 283 
PHE HD2  H  N N 284 
PHE HE1  H  N N 285 
PHE HE2  H  N N 286 
PHE HZ   H  N N 287 
PHE HXT  H  N N 288 
PRO N    N  N N 289 
PRO CA   C  N S 290 
PRO C    C  N N 291 
PRO O    O  N N 292 
PRO CB   C  N N 293 
PRO CG   C  N N 294 
PRO CD   C  N N 295 
PRO OXT  O  N N 296 
PRO H    H  N N 297 
PRO HA   H  N N 298 
PRO HB2  H  N N 299 
PRO HB3  H  N N 300 
PRO HG2  H  N N 301 
PRO HG3  H  N N 302 
PRO HD2  H  N N 303 
PRO HD3  H  N N 304 
PRO HXT  H  N N 305 
SER N    N  N N 306 
SER CA   C  N S 307 
SER C    C  N N 308 
SER O    O  N N 309 
SER CB   C  N N 310 
SER OG   O  N N 311 
SER OXT  O  N N 312 
SER H    H  N N 313 
SER H2   H  N N 314 
SER HA   H  N N 315 
SER HB2  H  N N 316 
SER HB3  H  N N 317 
SER HG   H  N N 318 
SER HXT  H  N N 319 
THR N    N  N N 320 
THR CA   C  N S 321 
THR C    C  N N 322 
THR O    O  N N 323 
THR CB   C  N R 324 
THR OG1  O  N N 325 
THR CG2  C  N N 326 
THR OXT  O  N N 327 
THR H    H  N N 328 
THR H2   H  N N 329 
THR HA   H  N N 330 
THR HB   H  N N 331 
THR HG1  H  N N 332 
THR HG21 H  N N 333 
THR HG22 H  N N 334 
THR HG23 H  N N 335 
THR HXT  H  N N 336 
TRP N    N  N N 337 
TRP CA   C  N S 338 
TRP C    C  N N 339 
TRP O    O  N N 340 
TRP CB   C  N N 341 
TRP CG   C  Y N 342 
TRP CD1  C  Y N 343 
TRP CD2  C  Y N 344 
TRP NE1  N  Y N 345 
TRP CE2  C  Y N 346 
TRP CE3  C  Y N 347 
TRP CZ2  C  Y N 348 
TRP CZ3  C  Y N 349 
TRP CH2  C  Y N 350 
TRP OXT  O  N N 351 
TRP H    H  N N 352 
TRP H2   H  N N 353 
TRP HA   H  N N 354 
TRP HB2  H  N N 355 
TRP HB3  H  N N 356 
TRP HD1  H  N N 357 
TRP HE1  H  N N 358 
TRP HE3  H  N N 359 
TRP HZ2  H  N N 360 
TRP HZ3  H  N N 361 
TRP HH2  H  N N 362 
TRP HXT  H  N N 363 
TYR N    N  N N 364 
TYR CA   C  N S 365 
TYR C    C  N N 366 
TYR O    O  N N 367 
TYR CB   C  N N 368 
TYR CG   C  Y N 369 
TYR CD1  C  Y N 370 
TYR CD2  C  Y N 371 
TYR CE1  C  Y N 372 
TYR CE2  C  Y N 373 
TYR CZ   C  Y N 374 
TYR OH   O  N N 375 
TYR OXT  O  N N 376 
TYR H    H  N N 377 
TYR H2   H  N N 378 
TYR HA   H  N N 379 
TYR HB2  H  N N 380 
TYR HB3  H  N N 381 
TYR HD1  H  N N 382 
TYR HD2  H  N N 383 
TYR HE1  H  N N 384 
TYR HE2  H  N N 385 
TYR HH   H  N N 386 
TYR HXT  H  N N 387 
VAL N    N  N N 388 
VAL CA   C  N S 389 
VAL C    C  N N 390 
VAL O    O  N N 391 
VAL CB   C  N N 392 
VAL CG1  C  N N 393 
VAL CG2  C  N N 394 
VAL OXT  O  N N 395 
VAL H    H  N N 396 
VAL H2   H  N N 397 
VAL HA   H  N N 398 
VAL HB   H  N N 399 
VAL HG11 H  N N 400 
VAL HG12 H  N N 401 
VAL HG13 H  N N 402 
VAL HG21 H  N N 403 
VAL HG22 H  N N 404 
VAL HG23 H  N N 405 
VAL HXT  H  N N 406 
# 
loop_
_chem_comp_bond.comp_id 
_chem_comp_bond.atom_id_1 
_chem_comp_bond.atom_id_2 
_chem_comp_bond.value_order 
_chem_comp_bond.pdbx_aromatic_flag 
_chem_comp_bond.pdbx_stereo_config 
_chem_comp_bond.pdbx_ordinal 
ALA N   CA   sing N N 1   
ALA N   H    sing N N 2   
ALA N   H2   sing N N 3   
ALA CA  C    sing N N 4   
ALA CA  CB   sing N N 5   
ALA CA  HA   sing N N 6   
ALA C   O    doub N N 7   
ALA C   OXT  sing N N 8   
ALA CB  HB1  sing N N 9   
ALA CB  HB2  sing N N 10  
ALA CB  HB3  sing N N 11  
ALA OXT HXT  sing N N 12  
ARG N   CA   sing N N 13  
ARG N   H    sing N N 14  
ARG N   H2   sing N N 15  
ARG CA  C    sing N N 16  
ARG CA  CB   sing N N 17  
ARG CA  HA   sing N N 18  
ARG C   O    doub N N 19  
ARG C   OXT  sing N N 20  
ARG CB  CG   sing N N 21  
ARG CB  HB2  sing N N 22  
ARG CB  HB3  sing N N 23  
ARG CG  CD   sing N N 24  
ARG CG  HG2  sing N N 25  
ARG CG  HG3  sing N N 26  
ARG CD  NE   sing N N 27  
ARG CD  HD2  sing N N 28  
ARG CD  HD3  sing N N 29  
ARG NE  CZ   sing N N 30  
ARG NE  HE   sing N N 31  
ARG CZ  NH1  sing N N 32  
ARG CZ  NH2  doub N N 33  
ARG NH1 HH11 sing N N 34  
ARG NH1 HH12 sing N N 35  
ARG NH2 HH21 sing N N 36  
ARG NH2 HH22 sing N N 37  
ARG OXT HXT  sing N N 38  
ASN N   CA   sing N N 39  
ASN N   H    sing N N 40  
ASN N   H2   sing N N 41  
ASN CA  C    sing N N 42  
ASN CA  CB   sing N N 43  
ASN CA  HA   sing N N 44  
ASN C   O    doub N N 45  
ASN C   OXT  sing N N 46  
ASN CB  CG   sing N N 47  
ASN CB  HB2  sing N N 48  
ASN CB  HB3  sing N N 49  
ASN CG  OD1  doub N N 50  
ASN CG  ND2  sing N N 51  
ASN ND2 HD21 sing N N 52  
ASN ND2 HD22 sing N N 53  
ASN OXT HXT  sing N N 54  
ASP N   CA   sing N N 55  
ASP N   H    sing N N 56  
ASP N   H2   sing N N 57  
ASP CA  C    sing N N 58  
ASP CA  CB   sing N N 59  
ASP CA  HA   sing N N 60  
ASP C   O    doub N N 61  
ASP C   OXT  sing N N 62  
ASP CB  CG   sing N N 63  
ASP CB  HB2  sing N N 64  
ASP CB  HB3  sing N N 65  
ASP CG  OD1  doub N N 66  
ASP CG  OD2  sing N N 67  
ASP OD2 HD2  sing N N 68  
ASP OXT HXT  sing N N 69  
EDO C1  O1   sing N N 70  
EDO C1  C2   sing N N 71  
EDO C1  H11  sing N N 72  
EDO C1  H12  sing N N 73  
EDO O1  HO1  sing N N 74  
EDO C2  O2   sing N N 75  
EDO C2  H21  sing N N 76  
EDO C2  H22  sing N N 77  
EDO O2  HO2  sing N N 78  
GLN N   CA   sing N N 79  
GLN N   H    sing N N 80  
GLN N   H2   sing N N 81  
GLN CA  C    sing N N 82  
GLN CA  CB   sing N N 83  
GLN CA  HA   sing N N 84  
GLN C   O    doub N N 85  
GLN C   OXT  sing N N 86  
GLN CB  CG   sing N N 87  
GLN CB  HB2  sing N N 88  
GLN CB  HB3  sing N N 89  
GLN CG  CD   sing N N 90  
GLN CG  HG2  sing N N 91  
GLN CG  HG3  sing N N 92  
GLN CD  OE1  doub N N 93  
GLN CD  NE2  sing N N 94  
GLN NE2 HE21 sing N N 95  
GLN NE2 HE22 sing N N 96  
GLN OXT HXT  sing N N 97  
GLU N   CA   sing N N 98  
GLU N   H    sing N N 99  
GLU N   H2   sing N N 100 
GLU CA  C    sing N N 101 
GLU CA  CB   sing N N 102 
GLU CA  HA   sing N N 103 
GLU C   O    doub N N 104 
GLU C   OXT  sing N N 105 
GLU CB  CG   sing N N 106 
GLU CB  HB2  sing N N 107 
GLU CB  HB3  sing N N 108 
GLU CG  CD   sing N N 109 
GLU CG  HG2  sing N N 110 
GLU CG  HG3  sing N N 111 
GLU CD  OE1  doub N N 112 
GLU CD  OE2  sing N N 113 
GLU OE2 HE2  sing N N 114 
GLU OXT HXT  sing N N 115 
GLY N   CA   sing N N 116 
GLY N   H    sing N N 117 
GLY N   H2   sing N N 118 
GLY CA  C    sing N N 119 
GLY CA  HA2  sing N N 120 
GLY CA  HA3  sing N N 121 
GLY C   O    doub N N 122 
GLY C   OXT  sing N N 123 
GLY OXT HXT  sing N N 124 
HIS N   CA   sing N N 125 
HIS N   H    sing N N 126 
HIS N   H2   sing N N 127 
HIS CA  C    sing N N 128 
HIS CA  CB   sing N N 129 
HIS CA  HA   sing N N 130 
HIS C   O    doub N N 131 
HIS C   OXT  sing N N 132 
HIS CB  CG   sing N N 133 
HIS CB  HB2  sing N N 134 
HIS CB  HB3  sing N N 135 
HIS CG  ND1  sing Y N 136 
HIS CG  CD2  doub Y N 137 
HIS ND1 CE1  doub Y N 138 
HIS ND1 HD1  sing N N 139 
HIS CD2 NE2  sing Y N 140 
HIS CD2 HD2  sing N N 141 
HIS CE1 NE2  sing Y N 142 
HIS CE1 HE1  sing N N 143 
HIS NE2 HE2  sing N N 144 
HIS OXT HXT  sing N N 145 
HOH O   H1   sing N N 146 
HOH O   H2   sing N N 147 
ILE N   CA   sing N N 148 
ILE N   H    sing N N 149 
ILE N   H2   sing N N 150 
ILE CA  C    sing N N 151 
ILE CA  CB   sing N N 152 
ILE CA  HA   sing N N 153 
ILE C   O    doub N N 154 
ILE C   OXT  sing N N 155 
ILE CB  CG1  sing N N 156 
ILE CB  CG2  sing N N 157 
ILE CB  HB   sing N N 158 
ILE CG1 CD1  sing N N 159 
ILE CG1 HG12 sing N N 160 
ILE CG1 HG13 sing N N 161 
ILE CG2 HG21 sing N N 162 
ILE CG2 HG22 sing N N 163 
ILE CG2 HG23 sing N N 164 
ILE CD1 HD11 sing N N 165 
ILE CD1 HD12 sing N N 166 
ILE CD1 HD13 sing N N 167 
ILE OXT HXT  sing N N 168 
LEU N   CA   sing N N 169 
LEU N   H    sing N N 170 
LEU N   H2   sing N N 171 
LEU CA  C    sing N N 172 
LEU CA  CB   sing N N 173 
LEU CA  HA   sing N N 174 
LEU C   O    doub N N 175 
LEU C   OXT  sing N N 176 
LEU CB  CG   sing N N 177 
LEU CB  HB2  sing N N 178 
LEU CB  HB3  sing N N 179 
LEU CG  CD1  sing N N 180 
LEU CG  CD2  sing N N 181 
LEU CG  HG   sing N N 182 
LEU CD1 HD11 sing N N 183 
LEU CD1 HD12 sing N N 184 
LEU CD1 HD13 sing N N 185 
LEU CD2 HD21 sing N N 186 
LEU CD2 HD22 sing N N 187 
LEU CD2 HD23 sing N N 188 
LEU OXT HXT  sing N N 189 
LYS N   CA   sing N N 190 
LYS N   H    sing N N 191 
LYS N   H2   sing N N 192 
LYS CA  C    sing N N 193 
LYS CA  CB   sing N N 194 
LYS CA  HA   sing N N 195 
LYS C   O    doub N N 196 
LYS C   OXT  sing N N 197 
LYS CB  CG   sing N N 198 
LYS CB  HB2  sing N N 199 
LYS CB  HB3  sing N N 200 
LYS CG  CD   sing N N 201 
LYS CG  HG2  sing N N 202 
LYS CG  HG3  sing N N 203 
LYS CD  CE   sing N N 204 
LYS CD  HD2  sing N N 205 
LYS CD  HD3  sing N N 206 
LYS CE  NZ   sing N N 207 
LYS CE  HE2  sing N N 208 
LYS CE  HE3  sing N N 209 
LYS NZ  HZ1  sing N N 210 
LYS NZ  HZ2  sing N N 211 
LYS NZ  HZ3  sing N N 212 
LYS OXT HXT  sing N N 213 
MET N   CA   sing N N 214 
MET N   H    sing N N 215 
MET N   H2   sing N N 216 
MET CA  C    sing N N 217 
MET CA  CB   sing N N 218 
MET CA  HA   sing N N 219 
MET C   O    doub N N 220 
MET C   OXT  sing N N 221 
MET CB  CG   sing N N 222 
MET CB  HB2  sing N N 223 
MET CB  HB3  sing N N 224 
MET CG  SD   sing N N 225 
MET CG  HG2  sing N N 226 
MET CG  HG3  sing N N 227 
MET SD  CE   sing N N 228 
MET CE  HE1  sing N N 229 
MET CE  HE2  sing N N 230 
MET CE  HE3  sing N N 231 
MET OXT HXT  sing N N 232 
MSE N   CA   sing N N 233 
MSE N   H    sing N N 234 
MSE N   H2   sing N N 235 
MSE CA  C    sing N N 236 
MSE CA  CB   sing N N 237 
MSE CA  HA   sing N N 238 
MSE C   O    doub N N 239 
MSE C   OXT  sing N N 240 
MSE OXT HXT  sing N N 241 
MSE CB  CG   sing N N 242 
MSE CB  HB2  sing N N 243 
MSE CB  HB3  sing N N 244 
MSE CG  SE   sing N N 245 
MSE CG  HG2  sing N N 246 
MSE CG  HG3  sing N N 247 
MSE SE  CE   sing N N 248 
MSE CE  HE1  sing N N 249 
MSE CE  HE2  sing N N 250 
MSE CE  HE3  sing N N 251 
PHE N   CA   sing N N 252 
PHE N   H    sing N N 253 
PHE N   H2   sing N N 254 
PHE CA  C    sing N N 255 
PHE CA  CB   sing N N 256 
PHE CA  HA   sing N N 257 
PHE C   O    doub N N 258 
PHE C   OXT  sing N N 259 
PHE CB  CG   sing N N 260 
PHE CB  HB2  sing N N 261 
PHE CB  HB3  sing N N 262 
PHE CG  CD1  doub Y N 263 
PHE CG  CD2  sing Y N 264 
PHE CD1 CE1  sing Y N 265 
PHE CD1 HD1  sing N N 266 
PHE CD2 CE2  doub Y N 267 
PHE CD2 HD2  sing N N 268 
PHE CE1 CZ   doub Y N 269 
PHE CE1 HE1  sing N N 270 
PHE CE2 CZ   sing Y N 271 
PHE CE2 HE2  sing N N 272 
PHE CZ  HZ   sing N N 273 
PHE OXT HXT  sing N N 274 
PRO N   CA   sing N N 275 
PRO N   CD   sing N N 276 
PRO N   H    sing N N 277 
PRO CA  C    sing N N 278 
PRO CA  CB   sing N N 279 
PRO CA  HA   sing N N 280 
PRO C   O    doub N N 281 
PRO C   OXT  sing N N 282 
PRO CB  CG   sing N N 283 
PRO CB  HB2  sing N N 284 
PRO CB  HB3  sing N N 285 
PRO CG  CD   sing N N 286 
PRO CG  HG2  sing N N 287 
PRO CG  HG3  sing N N 288 
PRO CD  HD2  sing N N 289 
PRO CD  HD3  sing N N 290 
PRO OXT HXT  sing N N 291 
SER N   CA   sing N N 292 
SER N   H    sing N N 293 
SER N   H2   sing N N 294 
SER CA  C    sing N N 295 
SER CA  CB   sing N N 296 
SER CA  HA   sing N N 297 
SER C   O    doub N N 298 
SER C   OXT  sing N N 299 
SER CB  OG   sing N N 300 
SER CB  HB2  sing N N 301 
SER CB  HB3  sing N N 302 
SER OG  HG   sing N N 303 
SER OXT HXT  sing N N 304 
THR N   CA   sing N N 305 
THR N   H    sing N N 306 
THR N   H2   sing N N 307 
THR CA  C    sing N N 308 
THR CA  CB   sing N N 309 
THR CA  HA   sing N N 310 
THR C   O    doub N N 311 
THR C   OXT  sing N N 312 
THR CB  OG1  sing N N 313 
THR CB  CG2  sing N N 314 
THR CB  HB   sing N N 315 
THR OG1 HG1  sing N N 316 
THR CG2 HG21 sing N N 317 
THR CG2 HG22 sing N N 318 
THR CG2 HG23 sing N N 319 
THR OXT HXT  sing N N 320 
TRP N   CA   sing N N 321 
TRP N   H    sing N N 322 
TRP N   H2   sing N N 323 
TRP CA  C    sing N N 324 
TRP CA  CB   sing N N 325 
TRP CA  HA   sing N N 326 
TRP C   O    doub N N 327 
TRP C   OXT  sing N N 328 
TRP CB  CG   sing N N 329 
TRP CB  HB2  sing N N 330 
TRP CB  HB3  sing N N 331 
TRP CG  CD1  doub Y N 332 
TRP CG  CD2  sing Y N 333 
TRP CD1 NE1  sing Y N 334 
TRP CD1 HD1  sing N N 335 
TRP CD2 CE2  doub Y N 336 
TRP CD2 CE3  sing Y N 337 
TRP NE1 CE2  sing Y N 338 
TRP NE1 HE1  sing N N 339 
TRP CE2 CZ2  sing Y N 340 
TRP CE3 CZ3  doub Y N 341 
TRP CE3 HE3  sing N N 342 
TRP CZ2 CH2  doub Y N 343 
TRP CZ2 HZ2  sing N N 344 
TRP CZ3 CH2  sing Y N 345 
TRP CZ3 HZ3  sing N N 346 
TRP CH2 HH2  sing N N 347 
TRP OXT HXT  sing N N 348 
TYR N   CA   sing N N 349 
TYR N   H    sing N N 350 
TYR N   H2   sing N N 351 
TYR CA  C    sing N N 352 
TYR CA  CB   sing N N 353 
TYR CA  HA   sing N N 354 
TYR C   O    doub N N 355 
TYR C   OXT  sing N N 356 
TYR CB  CG   sing N N 357 
TYR CB  HB2  sing N N 358 
TYR CB  HB3  sing N N 359 
TYR CG  CD1  doub Y N 360 
TYR CG  CD2  sing Y N 361 
TYR CD1 CE1  sing Y N 362 
TYR CD1 HD1  sing N N 363 
TYR CD2 CE2  doub Y N 364 
TYR CD2 HD2  sing N N 365 
TYR CE1 CZ   doub Y N 366 
TYR CE1 HE1  sing N N 367 
TYR CE2 CZ   sing Y N 368 
TYR CE2 HE2  sing N N 369 
TYR CZ  OH   sing N N 370 
TYR OH  HH   sing N N 371 
TYR OXT HXT  sing N N 372 
VAL N   CA   sing N N 373 
VAL N   H    sing N N 374 
VAL N   H2   sing N N 375 
VAL CA  C    sing N N 376 
VAL CA  CB   sing N N 377 
VAL CA  HA   sing N N 378 
VAL C   O    doub N N 379 
VAL C   OXT  sing N N 380 
VAL CB  CG1  sing N N 381 
VAL CB  CG2  sing N N 382 
VAL CB  HB   sing N N 383 
VAL CG1 HG11 sing N N 384 
VAL CG1 HG12 sing N N 385 
VAL CG1 HG13 sing N N 386 
VAL CG2 HG21 sing N N 387 
VAL CG2 HG22 sing N N 388 
VAL CG2 HG23 sing N N 389 
VAL OXT HXT  sing N N 390 
# 
_atom_sites.entry_id                    2O3G 
_atom_sites.fract_transf_matrix[1][1]   0.00596851 
_atom_sites.fract_transf_matrix[1][2]   0.00463568 
_atom_sites.fract_transf_matrix[1][3]   -0.00148600 
_atom_sites.fract_transf_matrix[2][1]   -0.00183455 
_atom_sites.fract_transf_matrix[2][2]   0.00431967 
_atom_sites.fract_transf_matrix[2][3]   0.00610702 
_atom_sites.fract_transf_matrix[3][1]   0.00450912 
_atom_sites.fract_transf_matrix[3][2]   -0.00437856 
_atom_sites.fract_transf_matrix[3][3]   0.00445162 
_atom_sites.fract_transf_vector[1]      0.216719 
_atom_sites.fract_transf_vector[2]      0.243435 
_atom_sites.fract_transf_vector[3]      0.410105 
# 
loop_
_atom_type.symbol 
C  
N  
O  
SE 
# 
loop_
_atom_site.group_PDB 
_atom_site.id 
_atom_site.type_symbol 
_atom_site.label_atom_id 
_atom_site.label_alt_id 
_atom_site.label_comp_id 
_atom_site.label_asym_id 
_atom_site.label_entity_id 
_atom_site.label_seq_id 
_atom_site.pdbx_PDB_ins_code 
_atom_site.Cartn_x 
_atom_site.Cartn_y 
_atom_site.Cartn_z 
_atom_site.occupancy 
_atom_site.B_iso_or_equiv 
_atom_site.pdbx_formal_charge 
_atom_site.auth_seq_id 
_atom_site.auth_comp_id 
_atom_site.auth_asym_id 
_atom_site.auth_atom_id 
_atom_site.pdbx_PDB_model_num 
ATOM   1   N  N   . GLU A 1 17 ? -15.190 -5.352  6.900   1.00 77.35 ? 180 GLU A N   1 
ATOM   2   C  CA  . GLU A 1 17 ? -14.395 -4.097  6.650   1.00 77.44 ? 180 GLU A CA  1 
ATOM   3   C  C   . GLU A 1 17 ? -14.241 -3.586  5.172   1.00 75.85 ? 180 GLU A C   1 
ATOM   4   O  O   . GLU A 1 17 ? -13.382 -4.063  4.395   1.00 74.70 ? 180 GLU A O   1 
ATOM   5   C  CB  . GLU A 1 17 ? -13.016 -4.190  7.328   1.00 78.36 ? 180 GLU A CB  1 
ATOM   6   C  CG  . GLU A 1 17 ? -12.900 -3.440  8.658   1.00 81.80 ? 180 GLU A CG  1 
ATOM   7   C  CD  . GLU A 1 17 ? -12.427 -1.973  8.492   1.00 87.43 ? 180 GLU A CD  1 
ATOM   8   O  OE1 . GLU A 1 17 ? -13.241 -1.137  8.006   1.00 88.97 ? 180 GLU A OE1 1 
ATOM   9   O  OE2 . GLU A 1 17 ? -11.256 -1.655  8.879   1.00 87.37 ? 180 GLU A OE2 1 
ATOM   10  N  N   . SER A 1 18 ? -15.122 -2.619  4.830   1.00 74.03 ? 181 SER A N   1 
ATOM   11  C  CA  . SER A 1 18 ? -14.914 -1.488  3.820   1.00 70.05 ? 181 SER A CA  1 
ATOM   12  C  C   . SER A 1 18 ? -13.493 -1.026  3.241   1.00 69.19 ? 181 SER A C   1 
ATOM   13  O  O   . SER A 1 18 ? -12.796 -0.144  3.848   1.00 69.14 ? 181 SER A O   1 
ATOM   14  C  CB  . SER A 1 18 ? -15.708 -0.221  4.307   1.00 71.00 ? 181 SER A CB  1 
ATOM   15  O  OG  . SER A 1 18 ? -15.137 0.409   5.454   1.00 68.14 ? 181 SER A OG  1 
ATOM   16  N  N   . LEU A 1 19 ? -13.136 -1.560  2.048   1.00 66.34 ? 182 LEU A N   1 
ATOM   17  C  CA  . LEU A 1 19 ? -11.987 -1.068  1.211   1.00 64.16 ? 182 LEU A CA  1 
ATOM   18  C  C   . LEU A 1 19 ? -10.590 -1.341  1.739   1.00 60.87 ? 182 LEU A C   1 
ATOM   19  O  O   . LEU A 1 19 ? -9.827  -0.401  2.137   1.00 61.00 ? 182 LEU A O   1 
ATOM   20  C  CB  . LEU A 1 19 ? -12.077 0.409   1.038   1.00 63.04 ? 182 LEU A CB  1 
ATOM   21  C  CG  . LEU A 1 19 ? -13.168 0.786   0.104   1.00 63.33 ? 182 LEU A CG  1 
ATOM   22  C  CD1 . LEU A 1 19 ? -13.315 2.241   0.544   1.00 65.03 ? 182 LEU A CD1 1 
ATOM   23  C  CD2 . LEU A 1 19 ? -12.736 0.553   -1.340  1.00 59.13 ? 182 LEU A CD2 1 
ATOM   24  N  N   . THR A 1 20 ? -10.241 -2.613  1.780   1.00 56.39 ? 183 THR A N   1 
ATOM   25  C  CA  . THR A 1 20 ? -8.991  -2.946  2.397   1.00 53.23 ? 183 THR A CA  1 
ATOM   26  C  C   . THR A 1 20 ? -8.404  -4.097  1.630   1.00 51.30 ? 183 THR A C   1 
ATOM   27  O  O   . THR A 1 20 ? -9.108  -4.946  1.087   1.00 50.88 ? 183 THR A O   1 
ATOM   28  C  CB  . THR A 1 20 ? -9.165  -3.332  3.894   1.00 53.21 ? 183 THR A CB  1 
ATOM   29  O  OG1 . THR A 1 20 ? -10.110 -4.378  3.956   1.00 49.66 ? 183 THR A OG1 1 
ATOM   30  C  CG2 . THR A 1 20 ? -9.625  -2.167  4.762   1.00 49.69 ? 183 THR A CG2 1 
ATOM   31  N  N   . VAL A 1 21 ? -7.093  -4.115  1.582   1.00 48.96 ? 184 VAL A N   1 
ATOM   32  C  CA  . VAL A 1 21 ? -6.420  -5.178  0.860   1.00 46.69 ? 184 VAL A CA  1 
ATOM   33  C  C   . VAL A 1 21 ? -5.365  -5.663  1.780   1.00 47.30 ? 184 VAL A C   1 
ATOM   34  O  O   . VAL A 1 21 ? -4.934  -4.970  2.776   1.00 45.68 ? 184 VAL A O   1 
ATOM   35  C  CB  . VAL A 1 21 ? -5.713  -4.694  -0.422  1.00 46.10 ? 184 VAL A CB  1 
ATOM   36  C  CG1 . VAL A 1 21 ? -6.708  -4.372  -1.469  1.00 44.70 ? 184 VAL A CG1 1 
ATOM   37  C  CG2 . VAL A 1 21 ? -4.872  -3.539  -0.113  1.00 38.42 ? 184 VAL A CG2 1 
ATOM   38  N  N   . GLU A 1 22 ? -4.961  -6.877  1.443   1.00 48.47 ? 185 GLU A N   1 
ATOM   39  C  CA  . GLU A 1 22 ? -3.735  -7.389  2.008   1.00 50.95 ? 185 GLU A CA  1 
ATOM   40  C  C   . GLU A 1 22 ? -2.451  -6.732  1.523   1.00 50.06 ? 185 GLU A C   1 
ATOM   41  O  O   . GLU A 1 22 ? -2.216  -6.524  0.308   1.00 50.56 ? 185 GLU A O   1 
ATOM   42  C  CB  . GLU A 1 22 ? -3.659  -8.868  1.839   1.00 52.09 ? 185 GLU A CB  1 
ATOM   43  C  CG  . GLU A 1 22 ? -3.894  -9.332  0.436   1.00 59.32 ? 185 GLU A CG  1 
ATOM   44  C  CD  . GLU A 1 22 ? -3.642  -10.874 0.352   1.00 69.17 ? 185 GLU A CD  1 
ATOM   45  O  OE1 . GLU A 1 22 ? -3.142  -11.380 -0.749  1.00 71.48 ? 185 GLU A OE1 1 
ATOM   46  O  OE2 . GLU A 1 22 ? -3.932  -11.529 1.428   1.00 64.12 ? 185 GLU A OE2 1 
ATOM   47  N  N   . GLY A 1 23 ? -1.651  -6.396  2.523   1.00 48.96 ? 186 GLY A N   1 
ATOM   48  C  CA  . GLY A 1 23 ? -0.251  -6.035  2.374   1.00 48.06 ? 186 GLY A CA  1 
ATOM   49  C  C   . GLY A 1 23 ? 0.524   -6.629  1.204   1.00 45.97 ? 186 GLY A C   1 
ATOM   50  O  O   . GLY A 1 23 ? 1.461   -6.012  0.715   1.00 46.26 ? 186 GLY A O   1 
ATOM   51  N  N   . ALA A 1 24 ? 0.135   -7.792  0.756   1.00 43.63 ? 187 ALA A N   1 
ATOM   52  C  CA  . ALA A 1 24 ? 0.946   -8.530  -0.124  1.00 44.13 ? 187 ALA A CA  1 
ATOM   53  C  C   . ALA A 1 24 ? 0.199   -8.607  -1.379  1.00 45.02 ? 187 ALA A C   1 
ATOM   54  O  O   . ALA A 1 24 ? 0.470   -9.446  -2.209  1.00 46.91 ? 187 ALA A O   1 
ATOM   55  C  CB  . ALA A 1 24 ? 1.113   -9.962  0.417   1.00 44.33 ? 187 ALA A CB  1 
ATOM   56  N  N   . LEU A 1 25 ? -0.819  -7.796  -1.555  1.00 46.32 ? 188 LEU A N   1 
ATOM   57  C  CA  . LEU A 1 25 ? -1.380  -7.690  -2.923  1.00 45.44 ? 188 LEU A CA  1 
ATOM   58  C  C   . LEU A 1 25 ? -0.250  -7.078  -3.778  1.00 44.78 ? 188 LEU A C   1 
ATOM   59  O  O   . LEU A 1 25 ? 0.548   -6.185  -3.322  1.00 44.32 ? 188 LEU A O   1 
ATOM   60  C  CB  . LEU A 1 25 ? -2.551  -6.725  -2.916  1.00 44.86 ? 188 LEU A CB  1 
ATOM   61  C  CG  . LEU A 1 25 ? -3.699  -7.170  -3.784  1.00 43.71 ? 188 LEU A CG  1 
ATOM   62  C  CD1 . LEU A 1 25 ? -4.218  -5.910  -4.377  1.00 43.04 ? 188 LEU A CD1 1 
ATOM   63  C  CD2 . LEU A 1 25 ? -3.504  -8.276  -4.843  1.00 32.05 ? 188 LEU A CD2 1 
ATOM   64  N  N   . GLU A 1 26 ? -0.173  -7.582  -4.983  1.00 43.54 ? 189 GLU A N   1 
ATOM   65  C  CA  . GLU A 1 26 ? 0.784   -7.078  -5.959  1.00 43.75 ? 189 GLU A CA  1 
ATOM   66  C  C   . GLU A 1 26 ? 0.264   -5.815  -6.610  1.00 42.17 ? 189 GLU A C   1 
ATOM   67  O  O   . GLU A 1 26 ? -0.828  -5.801  -7.180  1.00 40.66 ? 189 GLU A O   1 
ATOM   68  C  CB  . GLU A 1 26 ? 1.019   -8.152  -7.044  1.00 43.51 ? 189 GLU A CB  1 
ATOM   69  C  CG  . GLU A 1 26 ? 1.881   -9.294  -6.484  1.00 45.20 ? 189 GLU A CG  1 
ATOM   70  C  CD  . GLU A 1 26 ? 2.188   -10.402 -7.433  1.00 51.75 ? 189 GLU A CD  1 
ATOM   71  O  OE1 . GLU A 1 26 ? 1.512   -10.577 -8.472  1.00 53.40 ? 189 GLU A OE1 1 
ATOM   72  O  OE2 . GLU A 1 26 ? 3.144   -11.163 -7.118  1.00 61.98 ? 189 GLU A OE2 1 
ATOM   73  N  N   . TYR A 1 27 ? 1.075   -4.786  -6.531  1.00 42.21 ? 190 TYR A N   1 
ATOM   74  C  CA  . TYR A 1 27 ? 0.858   -3.576  -7.293  1.00 44.23 ? 190 TYR A CA  1 
ATOM   75  C  C   . TYR A 1 27 ? 0.381   -3.823  -8.668  1.00 44.76 ? 190 TYR A C   1 
ATOM   76  O  O   . TYR A 1 27 ? -0.542  -3.170  -9.148  1.00 46.37 ? 190 TYR A O   1 
ATOM   77  C  CB  . TYR A 1 27 ? 2.084   -2.787  -7.397  1.00 43.98 ? 190 TYR A CB  1 
ATOM   78  C  CG  . TYR A 1 27 ? 1.835   -1.412  -7.911  1.00 42.97 ? 190 TYR A CG  1 
ATOM   79  C  CD1 . TYR A 1 27 ? 1.687   -0.356  -7.054  1.00 43.19 ? 190 TYR A CD1 1 
ATOM   80  C  CD2 . TYR A 1 27 ? 1.789   -1.172  -9.242  1.00 44.61 ? 190 TYR A CD2 1 
ATOM   81  C  CE1 . TYR A 1 27 ? 1.449   0.933   -7.508  1.00 42.92 ? 190 TYR A CE1 1 
ATOM   82  C  CE2 . TYR A 1 27 ? 1.579   0.119   -9.742  1.00 48.61 ? 190 TYR A CE2 1 
ATOM   83  C  CZ  . TYR A 1 27 ? 1.408   1.166   -8.845  1.00 45.09 ? 190 TYR A CZ  1 
ATOM   84  O  OH  . TYR A 1 27 ? 1.216   2.438   -9.341  1.00 44.74 ? 190 TYR A OH  1 
ATOM   85  N  N   . VAL A 1 28 ? 0.892   -4.856  -9.268  1.00 44.83 ? 191 VAL A N   1 
ATOM   86  C  CA  . VAL A 1 28 ? 0.515   -5.124  -10.624 1.00 45.78 ? 191 VAL A CA  1 
ATOM   87  C  C   . VAL A 1 28 ? -0.898  -5.565  -10.684 1.00 46.21 ? 191 VAL A C   1 
ATOM   88  O  O   . VAL A 1 28 ? -1.530  -5.568  -11.724 1.00 46.82 ? 191 VAL A O   1 
ATOM   89  C  CB  . VAL A 1 28 ? 1.539   -6.137  -11.184 1.00 46.37 ? 191 VAL A CB  1 
ATOM   90  C  CG1 . VAL A 1 28 ? 0.942   -7.114  -12.178 1.00 47.96 ? 191 VAL A CG1 1 
ATOM   91  C  CG2 . VAL A 1 28 ? 2.601   -5.328  -11.829 1.00 46.16 ? 191 VAL A CG2 1 
ATOM   92  N  N   . GLU A 1 29 ? -1.413  -6.004  -9.555  1.00 48.84 ? 192 GLU A N   1 
ATOM   93  C  CA  . GLU A 1 29 ? -2.779  -6.547  -9.531  1.00 50.31 ? 192 GLU A CA  1 
ATOM   94  C  C   . GLU A 1 29 ? -3.820  -5.477  -9.093  1.00 48.35 ? 192 GLU A C   1 
ATOM   95  O  O   . GLU A 1 29 ? -4.848  -5.366  -9.715  1.00 47.71 ? 192 GLU A O   1 
ATOM   96  C  CB  . GLU A 1 29 ? -2.827  -7.800  -8.652  1.00 52.04 ? 192 GLU A CB  1 
ATOM   97  C  CG  . GLU A 1 29 ? -2.366  -9.164  -9.395  1.00 60.70 ? 192 GLU A CG  1 
ATOM   98  C  CD  . GLU A 1 29 ? -3.214  -9.597  -10.652 1.00 72.44 ? 192 GLU A CD  1 
ATOM   99  O  OE1 . GLU A 1 29 ? -4.482  -9.438  -10.608 1.00 74.77 ? 192 GLU A OE1 1 
ATOM   100 O  OE2 . GLU A 1 29 ? -2.607  -10.104 -11.682 1.00 75.57 ? 192 GLU A OE2 1 
ATOM   101 N  N   . LEU A 1 30 ? -3.515  -4.723  -8.033  1.00 46.47 ? 193 LEU A N   1 
ATOM   102 C  CA  . LEU A 1 30 ? -4.269  -3.586  -7.563  1.00 45.96 ? 193 LEU A CA  1 
ATOM   103 C  C   . LEU A 1 30 ? -4.344  -2.465  -8.619  1.00 46.27 ? 193 LEU A C   1 
ATOM   104 O  O   . LEU A 1 30 ? -5.439  -2.027  -8.976  1.00 47.23 ? 193 LEU A O   1 
ATOM   105 C  CB  . LEU A 1 30 ? -3.550  -2.995  -6.376  1.00 44.79 ? 193 LEU A CB  1 
ATOM   106 C  CG  . LEU A 1 30 ? -4.388  -2.350  -5.264  1.00 45.51 ? 193 LEU A CG  1 
ATOM   107 C  CD1 . LEU A 1 30 ? -3.679  -1.150  -4.758  1.00 40.61 ? 193 LEU A CD1 1 
ATOM   108 C  CD2 . LEU A 1 30 ? -5.860  -2.051  -5.698  1.00 43.06 ? 193 LEU A CD2 1 
ATOM   109 N  N   . ALA A 1 31 ? -3.192  -2.008  -9.107  1.00 45.67 ? 194 ALA A N   1 
ATOM   110 C  CA  . ALA A 1 31 ? -3.094  -0.783  -9.934  1.00 44.97 ? 194 ALA A CA  1 
ATOM   111 C  C   . ALA A 1 31 ? -3.993  -0.725  -11.126 1.00 43.94 ? 194 ALA A C   1 
ATOM   112 O  O   . ALA A 1 31 ? -4.716  0.198   -11.290 1.00 45.68 ? 194 ALA A O   1 
ATOM   113 C  CB  . ALA A 1 31 ? -1.693  -0.511  -10.343 1.00 45.28 ? 194 ALA A CB  1 
ATOM   114 N  N   . PRO A 1 32 ? -4.041  -1.745  -11.920 1.00 43.62 ? 195 PRO A N   1 
ATOM   115 C  CA  . PRO A 1 32 ? -4.943  -1.632  -13.040 1.00 42.91 ? 195 PRO A CA  1 
ATOM   116 C  C   . PRO A 1 32 ? -6.334  -1.492  -12.565 1.00 44.77 ? 195 PRO A C   1 
ATOM   117 O  O   . PRO A 1 32 ? -7.205  -1.121  -13.269 1.00 46.01 ? 195 PRO A O   1 
ATOM   118 C  CB  . PRO A 1 32 ? -4.890  -2.987  -13.666 1.00 41.08 ? 195 PRO A CB  1 
ATOM   119 C  CG  . PRO A 1 32 ? -3.735  -3.674  -13.095 1.00 42.07 ? 195 PRO A CG  1 
ATOM   120 C  CD  . PRO A 1 32 ? -3.351  -3.038  -11.841 1.00 44.08 ? 195 PRO A CD  1 
ATOM   121 N  N   . GLN A 1 33 ? -6.620  -1.850  -11.358 1.00 48.14 ? 196 GLN A N   1 
ATOM   122 C  CA  . GLN A 1 33 ? -7.997  -1.687  -10.951 1.00 49.83 ? 196 GLN A CA  1 
ATOM   123 C  C   . GLN A 1 33 ? -8.216  -0.271  -10.394 1.00 48.35 ? 196 GLN A C   1 
ATOM   124 O  O   . GLN A 1 33 ? -9.306  0.195   -10.438 1.00 50.00 ? 196 GLN A O   1 
ATOM   125 C  CB  . GLN A 1 33 ? -8.321  -2.684  -9.819  1.00 49.63 ? 196 GLN A CB  1 
ATOM   126 C  CG  . GLN A 1 33 ? -8.708  -4.151  -10.162 1.00 52.82 ? 196 GLN A CG  1 
ATOM   127 C  CD  . GLN A 1 33 ? -8.836  -4.983  -8.824  1.00 55.72 ? 196 GLN A CD  1 
ATOM   128 O  OE1 . GLN A 1 33 ? -9.949  -5.156  -8.260  1.00 65.11 ? 196 GLN A OE1 1 
ATOM   129 N  NE2 . GLN A 1 33 ? -7.685  -5.406  -8.280  1.00 56.69 ? 196 GLN A NE2 1 
ATOM   130 N  N   . LEU A 1 34 ? -7.271  0.350   -9.720  1.00 45.79 ? 197 LEU A N   1 
ATOM   131 C  CA  . LEU A 1 34 ? -7.538  1.688   -9.282  1.00 44.25 ? 197 LEU A CA  1 
ATOM   132 C  C   . LEU A 1 34 ? -7.003  2.752   -10.313 1.00 45.55 ? 197 LEU A C   1 
ATOM   133 O  O   . LEU A 1 34 ? -6.671  3.896   -9.968  1.00 46.54 ? 197 LEU A O   1 
ATOM   134 C  CB  . LEU A 1 34 ? -6.869  1.849   -7.948  1.00 41.46 ? 197 LEU A CB  1 
ATOM   135 C  CG  . LEU A 1 34 ? -7.772  1.500   -6.773  1.00 44.70 ? 197 LEU A CG  1 
ATOM   136 C  CD1 . LEU A 1 34 ? -8.689  0.314   -7.161  1.00 37.81 ? 197 LEU A CD1 1 
ATOM   137 C  CD2 . LEU A 1 34 ? -6.985  1.376   -5.453  1.00 37.77 ? 197 LEU A CD2 1 
ATOM   138 N  N   . ASN A 1 35 ? -6.829  2.377   -11.568 1.00 45.57 ? 198 ASN A N   1 
ATOM   139 C  CA  . ASN A 1 35 ? -5.907  3.144   -12.430 1.00 45.14 ? 198 ASN A CA  1 
ATOM   140 C  C   . ASN A 1 35 ? -4.720  3.757   -11.794 1.00 44.52 ? 198 ASN A C   1 
ATOM   141 O  O   . ASN A 1 35 ? -4.448  4.914   -12.064 1.00 46.78 ? 198 ASN A O   1 
ATOM   142 C  CB  . ASN A 1 35 ? -6.674  4.235   -13.143 1.00 43.99 ? 198 ASN A CB  1 
ATOM   143 C  CG  . ASN A 1 35 ? -7.599  3.628   -14.122 1.00 45.91 ? 198 ASN A CG  1 
ATOM   144 O  OD1 . ASN A 1 35 ? -7.351  2.482   -14.520 1.00 46.16 ? 198 ASN A OD1 1 
ATOM   145 N  ND2 . ASN A 1 35 ? -8.699  4.301   -14.484 1.00 49.44 ? 198 ASN A ND2 1 
ATOM   146 N  N   . LEU A 1 36 ? -4.022  3.063   -10.925 1.00 43.10 ? 199 LEU A N   1 
ATOM   147 C  CA  . LEU A 1 36 ? -2.760  3.647   -10.433 1.00 43.10 ? 199 LEU A CA  1 
ATOM   148 C  C   . LEU A 1 36 ? -1.726  3.750   -11.527 1.00 43.57 ? 199 LEU A C   1 
ATOM   149 O  O   . LEU A 1 36 ? -1.744  3.018   -12.508 1.00 41.28 ? 199 LEU A O   1 
ATOM   150 C  CB  . LEU A 1 36 ? -2.157  2.823   -9.329  1.00 42.39 ? 199 LEU A CB  1 
ATOM   151 C  CG  . LEU A 1 36 ? -3.050  2.838   -8.123  1.00 42.62 ? 199 LEU A CG  1 
ATOM   152 C  CD1 . LEU A 1 36 ? -2.644  1.815   -7.088  1.00 43.57 ? 199 LEU A CD1 1 
ATOM   153 C  CD2 . LEU A 1 36 ? -2.901  4.214   -7.606  1.00 41.55 ? 199 LEU A CD2 1 
ATOM   154 N  N   . PRO A 1 37 ? -0.759  4.635   -11.349 1.00 44.43 ? 200 PRO A N   1 
ATOM   155 C  CA  . PRO A 1 37 ? 0.063   4.760   -12.509 1.00 46.22 ? 200 PRO A CA  1 
ATOM   156 C  C   . PRO A 1 37 ? 1.138   3.553   -12.693 1.00 47.03 ? 200 PRO A C   1 
ATOM   157 O  O   . PRO A 1 37 ? 1.698   3.015   -11.748 1.00 45.59 ? 200 PRO A O   1 
ATOM   158 C  CB  . PRO A 1 37 ? 0.741   6.082   -12.232 1.00 46.08 ? 200 PRO A CB  1 
ATOM   159 C  CG  . PRO A 1 37 ? 1.047   6.029   -10.824 1.00 45.95 ? 200 PRO A CG  1 
ATOM   160 C  CD  . PRO A 1 37 ? -0.235  5.424   -10.231 1.00 44.39 ? 200 PRO A CD  1 
ATOM   161 N  N   . GLN A 1 38 ? 1.330   3.120   -13.914 1.00 48.57 ? 201 GLN A N   1 
ATOM   162 C  CA  . GLN A 1 38 ? 2.340   2.173   -14.289 1.00 50.37 ? 201 GLN A CA  1 
ATOM   163 C  C   . GLN A 1 38 ? 3.690   2.411   -13.649 1.00 52.51 ? 201 GLN A C   1 
ATOM   164 O  O   . GLN A 1 38 ? 4.168   3.526   -13.586 1.00 52.99 ? 201 GLN A O   1 
ATOM   165 C  CB  . GLN A 1 38 ? 2.473   2.314   -15.780 1.00 49.93 ? 201 GLN A CB  1 
ATOM   166 C  CG  . GLN A 1 38 ? 3.686   1.677   -16.417 1.00 46.80 ? 201 GLN A CG  1 
ATOM   167 C  CD  . GLN A 1 38 ? 3.548   0.171   -16.553 1.00 40.89 ? 201 GLN A CD  1 
ATOM   168 O  OE1 . GLN A 1 38 ? 2.493   -0.400  -16.984 1.00 37.19 ? 201 GLN A OE1 1 
ATOM   169 N  NE2 . GLN A 1 38 ? 4.581   -0.501  -16.100 1.00 41.03 ? 201 GLN A NE2 1 
ATOM   170 N  N   . GLN A 1 39 ? 4.318   1.359   -13.165 1.00 55.89 ? 202 GLN A N   1 
ATOM   171 C  CA  . GLN A 1 39 ? 5.699   1.528   -12.699 1.00 60.62 ? 202 GLN A CA  1 
ATOM   172 C  C   . GLN A 1 39 ? 6.790   1.323   -13.792 1.00 63.82 ? 202 GLN A C   1 
ATOM   173 O  O   . GLN A 1 39 ? 6.559   0.711   -14.869 1.00 63.35 ? 202 GLN A O   1 
ATOM   174 C  CB  . GLN A 1 39 ? 5.989   0.712   -11.425 1.00 60.33 ? 202 GLN A CB  1 
ATOM   175 C  CG  . GLN A 1 39 ? 5.107   -0.488  -11.290 1.00 60.36 ? 202 GLN A CG  1 
ATOM   176 C  CD  . GLN A 1 39 ? 5.607   -1.509  -10.272 1.00 61.70 ? 202 GLN A CD  1 
ATOM   177 O  OE1 . GLN A 1 39 ? 5.619   -2.711  -10.580 1.00 63.47 ? 202 GLN A OE1 1 
ATOM   178 N  NE2 . GLN A 1 39 ? 6.009   -1.051  -9.059  1.00 55.92 ? 202 GLN A NE2 1 
ATOM   179 N  N   . GLU A 1 40 ? 7.958   1.914   -13.528 1.00 68.14 ? 203 GLU A N   1 
ATOM   180 C  CA  . GLU A 1 40 ? 9.163   1.690   -14.343 1.00 72.74 ? 203 GLU A CA  1 
ATOM   181 C  C   . GLU A 1 40 ? 9.745   0.295   -14.089 1.00 74.79 ? 203 GLU A C   1 
ATOM   182 O  O   . GLU A 1 40 ? 9.368   -0.386  -13.111 1.00 75.30 ? 203 GLU A O   1 
ATOM   183 C  CB  . GLU A 1 40 ? 10.239  2.783   -14.080 1.00 73.90 ? 203 GLU A CB  1 
ATOM   184 C  CG  . GLU A 1 40 ? 10.447  3.177   -12.611 1.00 76.80 ? 203 GLU A CG  1 
ATOM   185 C  CD  . GLU A 1 40 ? 9.201   3.802   -12.032 1.00 84.24 ? 203 GLU A CD  1 
ATOM   186 O  OE1 . GLU A 1 40 ? 8.420   3.094   -11.321 1.00 84.77 ? 203 GLU A OE1 1 
ATOM   187 O  OE2 . GLU A 1 40 ? 8.976   5.004   -12.350 1.00 87.07 ? 203 GLU A OE2 1 
ATOM   188 N  N   . GLU A 1 41 ? 10.682  -0.118  -14.943 1.00 77.20 ? 204 GLU A N   1 
ATOM   189 C  CA  . GLU A 1 41 ? 11.495  -1.313  -14.673 1.00 79.39 ? 204 GLU A CA  1 
ATOM   190 C  C   . GLU A 1 41 ? 12.314  -1.302  -13.317 1.00 78.30 ? 204 GLU A C   1 
ATOM   191 O  O   . GLU A 1 41 ? 12.353  -2.314  -12.618 1.00 77.37 ? 204 GLU A O   1 
ATOM   192 C  CB  . GLU A 1 41 ? 12.400  -1.599  -15.882 1.00 79.63 ? 204 GLU A CB  1 
ATOM   193 C  CG  . GLU A 1 41 ? 11.718  -1.564  -17.276 1.00 82.77 ? 204 GLU A CG  1 
ATOM   194 C  CD  . GLU A 1 41 ? 12.781  -1.500  -18.438 1.00 83.93 ? 204 GLU A CD  1 
ATOM   195 O  OE1 . GLU A 1 41 ? 13.237  -0.369  -18.816 1.00 87.99 ? 204 GLU A OE1 1 
ATOM   196 O  OE2 . GLU A 1 41 ? 13.173  -2.590  -18.951 1.00 89.16 ? 204 GLU A OE2 1 
ATOM   197 N  N   . ASP A 1 42 ? 12.946  -0.175  -12.942 1.00 78.78 ? 205 ASP A N   1 
ATOM   198 C  CA  . ASP A 1 42 ? 13.790  -0.132  -11.685 1.00 79.52 ? 205 ASP A CA  1 
ATOM   199 C  C   . ASP A 1 42 ? 12.925  -0.130  -10.357 1.00 77.42 ? 205 ASP A C   1 
ATOM   200 O  O   . ASP A 1 42 ? 13.351  0.343   -9.284  1.00 77.16 ? 205 ASP A O   1 
ATOM   201 C  CB  . ASP A 1 42 ? 14.892  0.993   -11.732 1.00 80.23 ? 205 ASP A CB  1 
ATOM   202 C  CG  . ASP A 1 42 ? 14.389  2.379   -11.155 1.00 85.13 ? 205 ASP A CG  1 
ATOM   203 O  OD1 . ASP A 1 42 ? 13.257  2.860   -11.523 1.00 84.41 ? 205 ASP A OD1 1 
ATOM   204 O  OD2 . ASP A 1 42 ? 15.143  2.978   -10.315 1.00 89.51 ? 205 ASP A OD2 1 
ATOM   205 N  N   . ALA A 1 43 ? 11.713  -0.672  -10.500 1.00 75.47 ? 206 ALA A N   1 
ATOM   206 C  CA  . ALA A 1 43 ? 10.654  -0.845  -9.482  1.00 72.87 ? 206 ALA A CA  1 
ATOM   207 C  C   . ALA A 1 43 ? 11.117  -0.919  -8.032  1.00 70.98 ? 206 ALA A C   1 
ATOM   208 O  O   . ALA A 1 43 ? 11.768  -1.885  -7.638  1.00 72.09 ? 206 ALA A O   1 
ATOM   209 C  CB  . ALA A 1 43 ? 9.897   -2.150  -9.839  1.00 72.73 ? 206 ALA A CB  1 
ATOM   210 N  N   . ASP A 1 44 ? 10.776  0.019   -7.184  1.00 67.77 ? 207 ASP A N   1 
ATOM   211 C  CA  . ASP A 1 44 ? 11.107  -0.272  -5.788  1.00 65.50 ? 207 ASP A CA  1 
ATOM   212 C  C   . ASP A 1 44 ? 10.208  -1.115  -4.861  1.00 63.02 ? 207 ASP A C   1 
ATOM   213 O  O   . ASP A 1 44 ? 10.518  -1.191  -3.648  1.00 62.80 ? 207 ASP A O   1 
ATOM   214 C  CB  . ASP A 1 44 ? 11.288  1.001   -5.085  1.00 67.33 ? 207 ASP A CB  1 
ATOM   215 C  CG  . ASP A 1 44 ? 12.317  1.805   -5.714  1.00 73.21 ? 207 ASP A CG  1 
ATOM   216 O  OD1 . ASP A 1 44 ? 13.466  1.274   -5.720  1.00 79.49 ? 207 ASP A OD1 1 
ATOM   217 O  OD2 . ASP A 1 44 ? 11.969  2.917   -6.206  1.00 77.95 ? 207 ASP A OD2 1 
ATOM   218 N  N   . PHE A 1 45 ? 9.109   -1.698  -5.355  1.00 58.47 ? 208 PHE A N   1 
ATOM   219 C  CA  . PHE A 1 45 ? 8.220   -2.471  -4.501  1.00 55.31 ? 208 PHE A CA  1 
ATOM   220 C  C   . PHE A 1 45 ? 7.347   -3.337  -5.376  1.00 53.79 ? 208 PHE A C   1 
ATOM   221 O  O   . PHE A 1 45 ? 7.292   -3.122  -6.541  1.00 53.32 ? 208 PHE A O   1 
ATOM   222 C  CB  . PHE A 1 45 ? 7.431   -1.575  -3.532  1.00 55.53 ? 208 PHE A CB  1 
ATOM   223 C  CG  . PHE A 1 45 ? 6.617   -0.453  -4.203  1.00 55.98 ? 208 PHE A CG  1 
ATOM   224 C  CD1 . PHE A 1 45 ? 5.401   -0.742  -4.858  1.00 51.15 ? 208 PHE A CD1 1 
ATOM   225 C  CD2 . PHE A 1 45 ? 7.065   0.874   -4.162  1.00 51.80 ? 208 PHE A CD2 1 
ATOM   226 C  CE1 . PHE A 1 45 ? 4.670   0.238   -5.462  1.00 52.20 ? 208 PHE A CE1 1 
ATOM   227 C  CE2 . PHE A 1 45 ? 6.330   1.864   -4.783  1.00 56.92 ? 208 PHE A CE2 1 
ATOM   228 C  CZ  . PHE A 1 45 ? 5.122   1.543   -5.462  1.00 53.72 ? 208 PHE A CZ  1 
ATOM   229 N  N   . HIS A 1 46 ? 6.724   -4.374  -4.879  1.00 52.21 ? 209 HIS A N   1 
ATOM   230 C  CA  . HIS A 1 46 ? 5.862   -5.077  -5.808  1.00 51.81 ? 209 HIS A CA  1 
ATOM   231 C  C   . HIS A 1 46 ? 4.489   -5.217  -5.264  1.00 49.05 ? 209 HIS A C   1 
ATOM   232 O  O   . HIS A 1 46 ? 3.635   -5.795  -5.947  1.00 47.94 ? 209 HIS A O   1 
ATOM   233 C  CB  . HIS A 1 46 ? 6.392   -6.459  -6.133  1.00 53.87 ? 209 HIS A CB  1 
ATOM   234 C  CG  . HIS A 1 46 ? 7.775   -6.420  -6.654  1.00 62.03 ? 209 HIS A CG  1 
ATOM   235 N  ND1 . HIS A 1 46 ? 8.871   -6.249  -5.826  1.00 67.39 ? 209 HIS A ND1 1 
ATOM   236 C  CD2 . HIS A 1 46 ? 8.246   -6.428  -7.925  1.00 66.98 ? 209 HIS A CD2 1 
ATOM   237 C  CE1 . HIS A 1 46 ? 9.961   -6.192  -6.568  1.00 69.85 ? 209 HIS A CE1 1 
ATOM   238 N  NE2 . HIS A 1 46 ? 9.609   -6.292  -7.843  1.00 68.14 ? 209 HIS A NE2 1 
ATOM   239 N  N   . THR A 1 47 ? 4.300   -4.713  -4.037  1.00 46.77 ? 210 THR A N   1 
ATOM   240 C  CA  . THR A 1 47 ? 3.089   -4.959  -3.255  1.00 45.78 ? 210 THR A CA  1 
ATOM   241 C  C   . THR A 1 47 ? 2.618   -3.721  -2.494  1.00 46.08 ? 210 THR A C   1 
ATOM   242 O  O   . THR A 1 47 ? 3.445   -2.740  -2.196  1.00 44.30 ? 210 THR A O   1 
ATOM   243 C  CB  . THR A 1 47 ? 3.322   -6.101  -2.157  1.00 46.25 ? 210 THR A CB  1 
ATOM   244 O  OG1 . THR A 1 47 ? 4.229   -5.635  -1.123  1.00 46.05 ? 210 THR A OG1 1 
ATOM   245 C  CG2 . THR A 1 47 ? 3.823   -7.368  -2.803  1.00 42.14 ? 210 THR A CG2 1 
ATOM   246 N  N   . VAL A 1 48 ? 1.323   -3.782  -2.116  1.00 44.65 ? 211 VAL A N   1 
ATOM   247 C  CA  . VAL A 1 48 ? 0.741   -2.690  -1.341  1.00 43.89 ? 211 VAL A CA  1 
ATOM   248 C  C   . VAL A 1 48 ? 1.615   -2.435  -0.143  1.00 45.12 ? 211 VAL A C   1 
ATOM   249 O  O   . VAL A 1 48 ? 2.050   -1.298  0.147   1.00 46.76 ? 211 VAL A O   1 
ATOM   250 C  CB  . VAL A 1 48 ? -0.731  -2.984  -0.983  1.00 43.82 ? 211 VAL A CB  1 
ATOM   251 C  CG1 . VAL A 1 48 ? -1.356  -1.814  -0.282  1.00 42.86 ? 211 VAL A CG1 1 
ATOM   252 C  CG2 . VAL A 1 48 ? -1.475  -3.358  -2.225  1.00 41.85 ? 211 VAL A CG2 1 
ATOM   253 N  N   . ALA A 1 49 ? 1.958   -3.498  0.548   1.00 46.18 ? 212 ALA A N   1 
ATOM   254 C  CA  . ALA A 1 49 ? 2.732   -3.299  1.772   1.00 48.06 ? 212 ALA A CA  1 
ATOM   255 C  C   . ALA A 1 49 ? 4.002   -2.671  1.398   1.00 48.85 ? 212 ALA A C   1 
ATOM   256 O  O   . ALA A 1 49 ? 4.418   -1.752  2.091   1.00 50.26 ? 212 ALA A O   1 
ATOM   257 C  CB  . ALA A 1 49 ? 3.039   -4.656  2.486   1.00 47.60 ? 212 ALA A CB  1 
ATOM   258 N  N   . GLY A 1 50 ? 4.628   -3.178  0.305   1.00 49.48 ? 213 GLY A N   1 
ATOM   259 C  CA  . GLY A 1 50 ? 5.932   -2.678  -0.144  1.00 49.76 ? 213 GLY A CA  1 
ATOM   260 C  C   . GLY A 1 50 ? 5.840   -1.192  -0.461  1.00 51.35 ? 213 GLY A C   1 
ATOM   261 O  O   . GLY A 1 50 ? 6.732   -0.396  -0.064  1.00 52.55 ? 213 GLY A O   1 
ATOM   262 N  N   . LEU A 1 51 ? 4.748   -0.794  -1.139  1.00 51.11 ? 214 LEU A N   1 
ATOM   263 C  CA  . LEU A 1 51 ? 4.493   0.618   -1.410  1.00 51.37 ? 214 LEU A CA  1 
ATOM   264 C  C   . LEU A 1 51 ? 4.588   1.384   -0.157  1.00 51.96 ? 214 LEU A C   1 
ATOM   265 O  O   . LEU A 1 51 ? 5.278   2.412   -0.109  1.00 52.66 ? 214 LEU A O   1 
ATOM   266 C  CB  . LEU A 1 51 ? 3.147   0.841   -2.137  1.00 50.34 ? 214 LEU A CB  1 
ATOM   267 C  CG  . LEU A 1 51 ? 2.191   2.031   -2.051  1.00 49.14 ? 214 LEU A CG  1 
ATOM   268 C  CD1 . LEU A 1 51 ? 2.709   3.281   -1.430  1.00 41.42 ? 214 LEU A CD1 1 
ATOM   269 C  CD2 . LEU A 1 51 ? 1.674   2.280   -3.445  1.00 50.43 ? 214 LEU A CD2 1 
ATOM   270 N  N   . ILE A 1 52 ? 3.900   0.930   0.880   1.00 54.03 ? 215 ILE A N   1 
ATOM   271 C  CA  . ILE A 1 52 ? 3.919   1.742   2.128   1.00 55.01 ? 215 ILE A CA  1 
ATOM   272 C  C   . ILE A 1 52 ? 5.309   1.891   2.679   1.00 57.86 ? 215 ILE A C   1 
ATOM   273 O  O   . ILE A 1 52 ? 5.693   2.991   3.038   1.00 58.67 ? 215 ILE A O   1 
ATOM   274 C  CB  . ILE A 1 52 ? 3.039   1.181   3.262   1.00 54.16 ? 215 ILE A CB  1 
ATOM   275 C  CG1 . ILE A 1 52 ? 1.613   0.952   2.764   1.00 48.59 ? 215 ILE A CG1 1 
ATOM   276 C  CG2 . ILE A 1 52 ? 3.195   2.049   4.527   1.00 51.49 ? 215 ILE A CG2 1 
ATOM   277 C  CD1 . ILE A 1 52 ? 0.614   0.731   3.849   1.00 47.37 ? 215 ILE A CD1 1 
HETATM 278 N  N   . MSE A 1 53 ? 6.052   0.786   2.767   1.00 60.85 ? 216 MSE A N   1 
HETATM 279 C  CA  . MSE A 1 53 ? 7.453   0.816   3.309   1.00 65.15 ? 216 MSE A CA  1 
HETATM 280 C  C   . MSE A 1 53 ? 8.358   1.704   2.527   1.00 64.37 ? 216 MSE A C   1 
HETATM 281 O  O   . MSE A 1 53 ? 9.118   2.500   3.115   1.00 64.64 ? 216 MSE A O   1 
HETATM 282 C  CB  . MSE A 1 53 ? 8.107   -0.552  3.305   1.00 64.01 ? 216 MSE A CB  1 
HETATM 283 C  CG  . MSE A 1 53 ? 7.157   -1.697  3.144   1.00 67.38 ? 216 MSE A CG  1 
HETATM 284 SE SE  . MSE A 1 53 ? 7.989   -3.100  4.172   0.80 74.07 ? 216 MSE A SE  1 
HETATM 285 C  CE  . MSE A 1 53 ? 7.294   -4.838  3.446   1.00 62.66 ? 216 MSE A CE  1 
ATOM   286 N  N   . GLU A 1 54 ? 8.293   1.546   1.208   1.00 64.94 ? 217 GLU A N   1 
ATOM   287 C  CA  . GLU A 1 54 ? 8.939   2.477   0.297   1.00 66.69 ? 217 GLU A CA  1 
ATOM   288 C  C   . GLU A 1 54 ? 8.681   3.946   0.628   1.00 67.41 ? 217 GLU A C   1 
ATOM   289 O  O   . GLU A 1 54 ? 9.628   4.628   0.934   1.00 67.99 ? 217 GLU A O   1 
ATOM   290 C  CB  . GLU A 1 54 ? 8.557   2.171   -1.142  1.00 67.26 ? 217 GLU A CB  1 
ATOM   291 C  CG  . GLU A 1 54 ? 8.882   3.276   -2.125  1.00 71.80 ? 217 GLU A CG  1 
ATOM   292 C  CD  . GLU A 1 54 ? 10.356  3.307   -2.450  1.00 79.45 ? 217 GLU A CD  1 
ATOM   293 O  OE1 . GLU A 1 54 ? 11.184  3.077   -1.542  1.00 81.71 ? 217 GLU A OE1 1 
ATOM   294 O  OE2 . GLU A 1 54 ? 10.697  3.551   -3.626  1.00 82.78 ? 217 GLU A OE2 1 
ATOM   295 N  N   . GLU A 1 55 ? 7.434   4.455   0.587   1.00 68.88 ? 218 GLU A N   1 
ATOM   296 C  CA  . GLU A 1 55 ? 7.235   5.875   0.910   1.00 69.94 ? 218 GLU A CA  1 
ATOM   297 C  C   . GLU A 1 55 ? 7.706   6.180   2.343   1.00 70.75 ? 218 GLU A C   1 
ATOM   298 O  O   . GLU A 1 55 ? 8.553   7.016   2.527   1.00 71.83 ? 218 GLU A O   1 
ATOM   299 C  CB  . GLU A 1 55 ? 5.821   6.384   0.581   1.00 70.68 ? 218 GLU A CB  1 
ATOM   300 C  CG  . GLU A 1 55 ? 5.642   7.136   -0.832  1.00 74.15 ? 218 GLU A CG  1 
ATOM   301 C  CD  . GLU A 1 55 ? 5.827   8.725   -0.806  1.00 81.13 ? 218 GLU A CD  1 
ATOM   302 O  OE1 . GLU A 1 55 ? 6.323   9.303   0.206   1.00 81.17 ? 218 GLU A OE1 1 
ATOM   303 O  OE2 . GLU A 1 55 ? 5.475   9.421   -1.823  1.00 85.21 ? 218 GLU A OE2 1 
ATOM   304 N  N   . LEU A 1 56 ? 7.257   5.466   3.367   1.00 71.52 ? 219 LEU A N   1 
ATOM   305 C  CA  . LEU A 1 56 ? 7.635   5.843   4.727   1.00 72.26 ? 219 LEU A CA  1 
ATOM   306 C  C   . LEU A 1 56 ? 9.126   5.820   4.944   1.00 73.51 ? 219 LEU A C   1 
ATOM   307 O  O   . LEU A 1 56 ? 9.665   6.703   5.628   1.00 73.91 ? 219 LEU A O   1 
ATOM   308 C  CB  . LEU A 1 56 ? 6.995   4.914   5.735   1.00 72.16 ? 219 LEU A CB  1 
ATOM   309 C  CG  . LEU A 1 56 ? 5.523   5.171   5.590   1.00 72.75 ? 219 LEU A CG  1 
ATOM   310 C  CD1 . LEU A 1 56 ? 4.744   4.004   6.135   1.00 70.76 ? 219 LEU A CD1 1 
ATOM   311 C  CD2 . LEU A 1 56 ? 5.296   6.507   6.285   1.00 72.04 ? 219 LEU A CD2 1 
ATOM   312 N  N   . GLN A 1 57 ? 9.776   4.813   4.335   1.00 74.05 ? 220 GLN A N   1 
ATOM   313 C  CA  . GLN A 1 57 ? 11.166  4.486   4.581   1.00 74.54 ? 220 GLN A CA  1 
ATOM   314 C  C   . GLN A 1 57 ? 11.268  3.990   5.999   1.00 74.56 ? 220 GLN A C   1 
ATOM   315 O  O   . GLN A 1 57 ? 12.240  4.260   6.658   1.00 74.30 ? 220 GLN A O   1 
ATOM   316 C  CB  . GLN A 1 57 ? 12.089  5.710   4.416   1.00 74.62 ? 220 GLN A CB  1 
ATOM   317 C  CG  . GLN A 1 57 ? 12.118  6.325   3.027   1.00 77.35 ? 220 GLN A CG  1 
ATOM   318 C  CD  . GLN A 1 57 ? 12.857  5.445   2.036   1.00 80.67 ? 220 GLN A CD  1 
ATOM   319 O  OE1 . GLN A 1 57 ? 14.068  5.270   2.131   1.00 84.25 ? 220 GLN A OE1 1 
ATOM   320 N  NE2 . GLN A 1 57 ? 12.136  4.894   1.079   1.00 79.80 ? 220 GLN A NE2 1 
ATOM   321 N  N   . THR A 1 58 ? 10.270  3.291   6.514   1.00 74.81 ? 221 THR A N   1 
ATOM   322 C  CA  . THR A 1 58 ? 10.471  2.715   7.838   1.00 74.73 ? 221 THR A CA  1 
ATOM   323 C  C   . THR A 1 58 ? 9.475   1.607   8.124   1.00 74.84 ? 221 THR A C   1 
ATOM   324 O  O   . THR A 1 58 ? 8.651   1.362   7.261   1.00 75.95 ? 221 THR A O   1 
ATOM   325 C  CB  . THR A 1 58 ? 10.463  3.767   8.915   1.00 74.73 ? 221 THR A CB  1 
ATOM   326 O  OG1 . THR A 1 58 ? 10.271  3.085   10.139  1.00 77.43 ? 221 THR A OG1 1 
ATOM   327 C  CG2 . THR A 1 58 ? 9.341   4.794   8.725   1.00 74.69 ? 221 THR A CG2 1 
ATOM   328 N  N   . ILE A 1 59 ? 9.545   0.894   9.260   1.00 74.20 ? 222 ILE A N   1 
ATOM   329 C  CA  . ILE A 1 59 ? 8.583   -0.192  9.465   1.00 74.26 ? 222 ILE A CA  1 
ATOM   330 C  C   . ILE A 1 59 ? 7.320   0.463   9.930   1.00 73.98 ? 222 ILE A C   1 
ATOM   331 O  O   . ILE A 1 59 ? 7.333   1.100   10.976  1.00 74.18 ? 222 ILE A O   1 
ATOM   332 C  CB  . ILE A 1 59 ? 8.952   -1.220  10.522  1.00 74.56 ? 222 ILE A CB  1 
ATOM   333 C  CG1 . ILE A 1 59 ? 10.462  -1.462  10.530  1.00 77.02 ? 222 ILE A CG1 1 
ATOM   334 C  CG2 . ILE A 1 59 ? 8.212   -2.588  10.229  1.00 74.69 ? 222 ILE A CG2 1 
ATOM   335 C  CD1 . ILE A 1 59 ? 11.009  -2.161  9.263   1.00 76.65 ? 222 ILE A CD1 1 
ATOM   336 N  N   . PRO A 1 60 ? 6.236   0.359   9.126   1.00 72.59 ? 223 PRO A N   1 
ATOM   337 C  CA  . PRO A 1 60 ? 5.034   1.044   9.500   1.00 71.45 ? 223 PRO A CA  1 
ATOM   338 C  C   . PRO A 1 60 ? 4.310   0.365   10.662  1.00 70.73 ? 223 PRO A C   1 
ATOM   339 O  O   . PRO A 1 60 ? 4.078   -0.815  10.635  1.00 70.45 ? 223 PRO A O   1 
ATOM   340 C  CB  . PRO A 1 60 ? 4.220   0.981   8.213   1.00 70.84 ? 223 PRO A CB  1 
ATOM   341 C  CG  . PRO A 1 60 ? 4.636   -0.255  7.572   1.00 71.04 ? 223 PRO A CG  1 
ATOM   342 C  CD  . PRO A 1 60 ? 6.093   -0.325  7.825   1.00 72.01 ? 223 PRO A CD  1 
ATOM   343 N  N   . ASP A 1 61 ? 3.944   1.120   11.682  1.00 70.56 ? 224 ASP A N   1 
ATOM   344 C  CA  . ASP A 1 61 ? 3.003   0.609   12.672  1.00 71.05 ? 224 ASP A CA  1 
ATOM   345 C  C   . ASP A 1 61 ? 1.600   0.584   12.150  1.00 70.45 ? 224 ASP A C   1 
ATOM   346 O  O   . ASP A 1 61 ? 1.291   1.186   11.137  1.00 71.10 ? 224 ASP A O   1 
ATOM   347 C  CB  . ASP A 1 61 ? 2.968   1.551   13.853  1.00 71.50 ? 224 ASP A CB  1 
ATOM   348 C  CG  . ASP A 1 61 ? 4.240   1.514   14.621  1.00 75.36 ? 224 ASP A CG  1 
ATOM   349 O  OD1 . ASP A 1 61 ? 4.714   0.353   14.800  1.00 78.10 ? 224 ASP A OD1 1 
ATOM   350 O  OD2 . ASP A 1 61 ? 4.774   2.609   15.007  1.00 77.38 ? 224 ASP A OD2 1 
ATOM   351 N  N   . VAL A 1 62 ? 0.714   -0.044  12.898  1.00 69.80 ? 225 VAL A N   1 
ATOM   352 C  CA  . VAL A 1 62 ? -0.692  0.089   12.622  1.00 68.09 ? 225 VAL A CA  1 
ATOM   353 C  C   . VAL A 1 62 ? -1.056  1.579   12.652  1.00 67.62 ? 225 VAL A C   1 
ATOM   354 O  O   . VAL A 1 62 ? -0.490  2.374   13.442  1.00 66.96 ? 225 VAL A O   1 
ATOM   355 C  CB  . VAL A 1 62 ? -1.504  -0.719  13.587  1.00 68.19 ? 225 VAL A CB  1 
ATOM   356 C  CG1 . VAL A 1 62 ? -2.950  -0.364  13.403  1.00 67.00 ? 225 VAL A CG1 1 
ATOM   357 C  CG2 . VAL A 1 62 ? -1.253  -2.216  13.333  1.00 66.16 ? 225 VAL A CG2 1 
ATOM   358 N  N   . GLY A 1 63 ? -1.924  1.974   11.720  1.00 66.53 ? 226 GLY A N   1 
ATOM   359 C  CA  . GLY A 1 63 ? -2.313  3.370   11.627  1.00 65.53 ? 226 GLY A CA  1 
ATOM   360 C  C   . GLY A 1 63 ? -1.257  4.334   11.111  1.00 65.28 ? 226 GLY A C   1 
ATOM   361 O  O   . GLY A 1 63 ? -1.484  5.555   11.073  1.00 65.93 ? 226 GLY A O   1 
ATOM   362 N  N   . ASP A 1 64 ? -0.095  3.813   10.712  1.00 64.45 ? 227 ASP A N   1 
ATOM   363 C  CA  . ASP A 1 64 ? 0.760   4.561   9.752   1.00 62.89 ? 227 ASP A CA  1 
ATOM   364 C  C   . ASP A 1 64 ? 0.178   4.437   8.337   1.00 59.70 ? 227 ASP A C   1 
ATOM   365 O  O   . ASP A 1 64 ? -0.548  3.456   7.999   1.00 57.54 ? 227 ASP A O   1 
ATOM   366 C  CB  . ASP A 1 64 ? 2.229   4.078   9.777   1.00 64.20 ? 227 ASP A CB  1 
ATOM   367 C  CG  . ASP A 1 64 ? 3.000   4.516   11.048  1.00 68.85 ? 227 ASP A CG  1 
ATOM   368 O  OD1 . ASP A 1 64 ? 4.253   4.329   11.099  1.00 74.08 ? 227 ASP A OD1 1 
ATOM   369 O  OD2 . ASP A 1 64 ? 2.362   5.022   12.004  1.00 72.47 ? 227 ASP A OD2 1 
ATOM   370 N  N   . PHE A 1 65 ? 0.491   5.423   7.503   1.00 56.50 ? 228 PHE A N   1 
ATOM   371 C  CA  . PHE A 1 65 ? -0.114  5.406   6.175   1.00 53.89 ? 228 PHE A CA  1 
ATOM   372 C  C   . PHE A 1 65 ? 0.805   6.092   5.221   1.00 52.11 ? 228 PHE A C   1 
ATOM   373 O  O   . PHE A 1 65 ? 1.666   6.852   5.606   1.00 52.54 ? 228 PHE A O   1 
ATOM   374 C  CB  . PHE A 1 65 ? -1.456  6.135   6.199   1.00 54.06 ? 228 PHE A CB  1 
ATOM   375 C  CG  . PHE A 1 65 ? -1.323  7.554   6.615   1.00 53.08 ? 228 PHE A CG  1 
ATOM   376 C  CD1 . PHE A 1 65 ? -1.365  7.905   7.973   1.00 55.50 ? 228 PHE A CD1 1 
ATOM   377 C  CD2 . PHE A 1 65 ? -1.081  8.539   5.673   1.00 52.57 ? 228 PHE A CD2 1 
ATOM   378 C  CE1 . PHE A 1 65 ? -1.126  9.235   8.411   1.00 56.07 ? 228 PHE A CE1 1 
ATOM   379 C  CE2 . PHE A 1 65 ? -0.872  9.875   6.063   1.00 54.03 ? 228 PHE A CE2 1 
ATOM   380 C  CZ  . PHE A 1 65 ? -0.887  10.226  7.448   1.00 55.62 ? 228 PHE A CZ  1 
ATOM   381 N  N   . ALA A 1 66 ? 0.614   5.865   3.950   1.00 50.09 ? 229 ALA A N   1 
ATOM   382 C  CA  . ALA A 1 66 ? 1.459   6.523   2.996   1.00 47.80 ? 229 ALA A CA  1 
ATOM   383 C  C   . ALA A 1 66 ? 0.562   7.067   2.010   1.00 45.89 ? 229 ALA A C   1 
ATOM   384 O  O   . ALA A 1 66 ? -0.354  6.330   1.575   1.00 47.89 ? 229 ALA A O   1 
ATOM   385 C  CB  . ALA A 1 66 ? 2.384   5.492   2.306   1.00 46.97 ? 229 ALA A CB  1 
ATOM   386 N  N   . ASP A 1 67 ? 0.829   8.280   1.563   1.00 44.51 ? 230 ASP A N   1 
ATOM   387 C  CA  . ASP A 1 67 ? 0.031   8.851   0.422   1.00 45.77 ? 230 ASP A CA  1 
ATOM   388 C  C   . ASP A 1 67 ? 0.728   8.687   -0.907  1.00 44.16 ? 230 ASP A C   1 
ATOM   389 O  O   . ASP A 1 67 ? 1.901   9.027   -0.996  1.00 44.69 ? 230 ASP A O   1 
ATOM   390 C  CB  . ASP A 1 67 ? -0.250  10.358  0.635   1.00 46.92 ? 230 ASP A CB  1 
ATOM   391 C  CG  . ASP A 1 67 ? -1.173  10.637  1.888   1.00 52.56 ? 230 ASP A CG  1 
ATOM   392 O  OD1 . ASP A 1 67 ? -1.424  11.826  2.213   1.00 61.23 ? 230 ASP A OD1 1 
ATOM   393 O  OD2 . ASP A 1 67 ? -1.705  9.680   2.512   1.00 54.95 ? 230 ASP A OD2 1 
ATOM   394 N  N   . PHE A 1 68 ? 0.002   8.248   -1.944  1.00 42.29 ? 231 PHE A N   1 
ATOM   395 C  CA  . PHE A 1 68 ? 0.589   7.944   -3.205  1.00 40.02 ? 231 PHE A CA  1 
ATOM   396 C  C   . PHE A 1 68 ? -0.360  8.227   -4.397  1.00 40.90 ? 231 PHE A C   1 
ATOM   397 O  O   . PHE A 1 68 ? -1.397  7.618   -4.487  1.00 41.80 ? 231 PHE A O   1 
ATOM   398 C  CB  . PHE A 1 68 ? 0.906   6.430   -3.108  1.00 40.22 ? 231 PHE A CB  1 
ATOM   399 C  CG  . PHE A 1 68 ? 1.559   5.797   -4.342  1.00 33.65 ? 231 PHE A CG  1 
ATOM   400 C  CD1 . PHE A 1 68 ? 2.949   5.766   -4.469  1.00 32.02 ? 231 PHE A CD1 1 
ATOM   401 C  CD2 . PHE A 1 68 ? 0.777   5.177   -5.298  1.00 32.89 ? 231 PHE A CD2 1 
ATOM   402 C  CE1 . PHE A 1 68 ? 3.593   5.176   -5.640  1.00 29.92 ? 231 PHE A CE1 1 
ATOM   403 C  CE2 . PHE A 1 68 ? 1.380   4.520   -6.443  1.00 35.51 ? 231 PHE A CE2 1 
ATOM   404 C  CZ  . PHE A 1 68 ? 2.795   4.531   -6.590  1.00 34.29 ? 231 PHE A CZ  1 
ATOM   405 N  N   . HIS A 1 69 ? 0.015   9.088   -5.339  1.00 40.46 ? 232 HIS A N   1 
ATOM   406 C  CA  . HIS A 1 69 ? -0.797  9.355   -6.485  1.00 41.12 ? 232 HIS A CA  1 
ATOM   407 C  C   . HIS A 1 69 ? -2.281  9.491   -6.223  1.00 42.90 ? 232 HIS A C   1 
ATOM   408 O  O   . HIS A 1 69 ? -3.094  8.921   -6.970  1.00 40.64 ? 232 HIS A O   1 
ATOM   409 C  CB  . HIS A 1 69 ? -0.625  8.315   -7.566  1.00 42.36 ? 232 HIS A CB  1 
ATOM   410 C  CG  . HIS A 1 69 ? 0.601   8.520   -8.383  1.00 46.62 ? 232 HIS A CG  1 
ATOM   411 N  ND1 . HIS A 1 69 ? 1.879   8.266   -7.885  1.00 50.65 ? 232 HIS A ND1 1 
ATOM   412 C  CD2 . HIS A 1 69 ? 0.765   9.006   -9.635  1.00 47.12 ? 232 HIS A CD2 1 
ATOM   413 C  CE1 . HIS A 1 69 ? 2.781   8.545   -8.804  1.00 44.28 ? 232 HIS A CE1 1 
ATOM   414 N  NE2 . HIS A 1 69 ? 2.131   8.976   -9.882  1.00 53.16 ? 232 HIS A NE2 1 
ATOM   415 N  N   . GLY A 1 70 ? -2.640  10.285  -5.207  1.00 44.53 ? 233 GLY A N   1 
ATOM   416 C  CA  . GLY A 1 70 ? -4.035  10.599  -4.989  1.00 46.53 ? 233 GLY A CA  1 
ATOM   417 C  C   . GLY A 1 70 ? -4.773  9.630   -4.067  1.00 47.81 ? 233 GLY A C   1 
ATOM   418 O  O   . GLY A 1 70 ? -5.972  9.746   -3.922  1.00 49.30 ? 233 GLY A O   1 
ATOM   419 N  N   . TRP A 1 71 ? -4.074  8.650   -3.505  1.00 46.93 ? 234 TRP A N   1 
ATOM   420 C  CA  . TRP A 1 71 ? -4.672  7.713   -2.596  1.00 45.03 ? 234 TRP A CA  1 
ATOM   421 C  C   . TRP A 1 71 ? -3.838  7.629   -1.318  1.00 44.56 ? 234 TRP A C   1 
ATOM   422 O  O   . TRP A 1 71 ? -2.673  8.040   -1.308  1.00 45.14 ? 234 TRP A O   1 
ATOM   423 C  CB  . TRP A 1 71 ? -4.708  6.378   -3.211  1.00 44.61 ? 234 TRP A CB  1 
ATOM   424 C  CG  . TRP A 1 71 ? -5.379  6.284   -4.476  1.00 43.83 ? 234 TRP A CG  1 
ATOM   425 C  CD1 . TRP A 1 71 ? -4.883  6.591   -5.650  1.00 43.46 ? 234 TRP A CD1 1 
ATOM   426 C  CD2 . TRP A 1 71 ? -6.674  5.704   -4.722  1.00 46.35 ? 234 TRP A CD2 1 
ATOM   427 N  NE1 . TRP A 1 71 ? -5.803  6.298   -6.672  1.00 42.20 ? 234 TRP A NE1 1 
ATOM   428 C  CE2 . TRP A 1 71 ? -6.909  5.765   -6.105  1.00 44.49 ? 234 TRP A CE2 1 
ATOM   429 C  CE3 . TRP A 1 71 ? -7.696  5.242   -3.893  1.00 48.56 ? 234 TRP A CE3 1 
ATOM   430 C  CZ2 . TRP A 1 71 ? -8.073  5.329   -6.687  1.00 48.62 ? 234 TRP A CZ2 1 
ATOM   431 C  CZ3 . TRP A 1 71 ? -8.871  4.768   -4.483  1.00 47.67 ? 234 TRP A CZ3 1 
ATOM   432 C  CH2 . TRP A 1 71 ? -9.051  4.819   -5.867  1.00 46.46 ? 234 TRP A CH2 1 
ATOM   433 N  N   . ARG A 1 72 ? -4.453  7.130   -0.246  1.00 43.99 ? 235 ARG A N   1 
ATOM   434 C  CA  . ARG A 1 72 ? -3.829  6.913   1.077   1.00 44.88 ? 235 ARG A CA  1 
ATOM   435 C  C   . ARG A 1 72 ? -3.834  5.433   1.395   1.00 44.53 ? 235 ARG A C   1 
ATOM   436 O  O   . ARG A 1 72 ? -4.777  4.698   1.064   1.00 43.96 ? 235 ARG A O   1 
ATOM   437 C  CB  . ARG A 1 72 ? -4.663  7.589   2.104   1.00 45.38 ? 235 ARG A CB  1 
ATOM   438 C  CG  . ARG A 1 72 ? -4.146  7.461   3.457   1.00 48.32 ? 235 ARG A CG  1 
ATOM   439 C  CD  . ARG A 1 72 ? -4.665  8.603   4.269   1.00 46.95 ? 235 ARG A CD  1 
ATOM   440 N  NE  . ARG A 1 72 ? -3.734  9.698   4.175   1.00 54.62 ? 235 ARG A NE  1 
ATOM   441 C  CZ  . ARG A 1 72 ? -3.837  10.871  4.806   1.00 56.05 ? 235 ARG A CZ  1 
ATOM   442 N  NH1 . ARG A 1 72 ? -4.834  11.127  5.645   1.00 58.53 ? 235 ARG A NH1 1 
ATOM   443 N  NH2 . ARG A 1 72 ? -2.909  11.787  4.591   1.00 54.92 ? 235 ARG A NH2 1 
ATOM   444 N  N   . PHE A 1 73 ? -2.760  4.960   1.995   1.00 45.35 ? 236 PHE A N   1 
ATOM   445 C  CA  . PHE A 1 73 ? -2.639  3.526   2.239   1.00 44.96 ? 236 PHE A CA  1 
ATOM   446 C  C   . PHE A 1 73 ? -2.323  3.409   3.658   1.00 46.61 ? 236 PHE A C   1 
ATOM   447 O  O   . PHE A 1 73 ? -1.382  4.042   4.114   1.00 46.95 ? 236 PHE A O   1 
ATOM   448 C  CB  . PHE A 1 73 ? -1.520  3.002   1.422   1.00 42.99 ? 236 PHE A CB  1 
ATOM   449 C  CG  . PHE A 1 73 ? -1.850  2.946   -0.034  1.00 41.39 ? 236 PHE A CG  1 
ATOM   450 C  CD1 . PHE A 1 73 ? -2.384  1.828   -0.571  1.00 33.98 ? 236 PHE A CD1 1 
ATOM   451 C  CD2 . PHE A 1 73 ? -1.632  4.042   -0.852  1.00 35.49 ? 236 PHE A CD2 1 
ATOM   452 C  CE1 . PHE A 1 73 ? -2.649  1.777   -1.955  1.00 34.81 ? 236 PHE A CE1 1 
ATOM   453 C  CE2 . PHE A 1 73 ? -1.888  3.960   -2.201  1.00 36.91 ? 236 PHE A CE2 1 
ATOM   454 C  CZ  . PHE A 1 73 ? -2.409  2.825   -2.746  1.00 30.86 ? 236 PHE A CZ  1 
ATOM   455 N  N   . GLU A 1 74 ? -3.151  2.691   4.401   1.00 49.30 ? 237 GLU A N   1 
ATOM   456 C  CA  . GLU A 1 74 ? -2.990  2.747   5.860   1.00 51.92 ? 237 GLU A CA  1 
ATOM   457 C  C   . GLU A 1 74 ? -2.947  1.384   6.440   1.00 51.45 ? 237 GLU A C   1 
ATOM   458 O  O   . GLU A 1 74 ? -3.764  0.526   6.113   1.00 52.37 ? 237 GLU A O   1 
ATOM   459 C  CB  . GLU A 1 74 ? -4.141  3.498   6.494   1.00 51.84 ? 237 GLU A CB  1 
ATOM   460 C  CG  . GLU A 1 74 ? -4.004  3.677   8.010   1.00 52.88 ? 237 GLU A CG  1 
ATOM   461 C  CD  . GLU A 1 74 ? -5.230  4.332   8.654   1.00 54.53 ? 237 GLU A CD  1 
ATOM   462 O  OE1 . GLU A 1 74 ? -6.275  4.534   7.964   1.00 58.14 ? 237 GLU A OE1 1 
ATOM   463 O  OE2 . GLU A 1 74 ? -5.150  4.660   9.856   1.00 58.93 ? 237 GLU A OE2 1 
ATOM   464 N  N   . VAL A 1 75 ? -1.984  1.158   7.291   1.00 52.33 ? 238 VAL A N   1 
ATOM   465 C  CA  . VAL A 1 75 ? -1.844  -0.197  7.794   1.00 53.20 ? 238 VAL A CA  1 
ATOM   466 C  C   . VAL A 1 75 ? -2.810  -0.354  8.942   1.00 54.24 ? 238 VAL A C   1 
ATOM   467 O  O   . VAL A 1 75 ? -2.801  0.399   9.943   1.00 53.99 ? 238 VAL A O   1 
ATOM   468 C  CB  . VAL A 1 75 ? -0.398  -0.515  8.145   1.00 52.15 ? 238 VAL A CB  1 
ATOM   469 C  CG1 . VAL A 1 75 ? 0.310   0.718   8.285   1.00 53.98 ? 238 VAL A CG1 1 
ATOM   470 C  CG2 . VAL A 1 75 ? -0.287  -1.321  9.418   1.00 51.75 ? 238 VAL A CG2 1 
ATOM   471 N  N   . VAL A 1 76 ? -3.675  -1.322  8.771   1.00 55.17 ? 239 VAL A N   1 
ATOM   472 C  CA  . VAL A 1 76 ? -4.696  -1.473  9.764   1.00 58.68 ? 239 VAL A CA  1 
ATOM   473 C  C   . VAL A 1 76 ? -4.446  -2.676  10.660  1.00 62.21 ? 239 VAL A C   1 
ATOM   474 O  O   . VAL A 1 76 ? -4.596  -2.582  11.899  1.00 63.45 ? 239 VAL A O   1 
ATOM   475 C  CB  . VAL A 1 76 ? -6.180  -1.454  9.214   1.00 56.99 ? 239 VAL A CB  1 
ATOM   476 C  CG1 . VAL A 1 76 ? -6.489  -0.095  8.705   1.00 55.27 ? 239 VAL A CG1 1 
ATOM   477 C  CG2 . VAL A 1 76 ? -6.456  -2.552  8.206   1.00 55.15 ? 239 VAL A CG2 1 
ATOM   478 N  N   . GLU A 1 77 ? -4.060  -3.785  10.033  1.00 65.19 ? 240 GLU A N   1 
ATOM   479 C  CA  . GLU A 1 77 ? -3.557  -4.926  10.753  1.00 67.56 ? 240 GLU A CA  1 
ATOM   480 C  C   . GLU A 1 77 ? -2.088  -5.317  10.357  1.00 68.34 ? 240 GLU A C   1 
ATOM   481 O  O   . GLU A 1 77 ? -1.755  -5.515  9.182   1.00 68.56 ? 240 GLU A O   1 
ATOM   482 C  CB  . GLU A 1 77 ? -4.537  -6.041  10.503  1.00 68.31 ? 240 GLU A CB  1 
ATOM   483 C  CG  . GLU A 1 77 ? -4.584  -7.100  11.504  1.00 72.61 ? 240 GLU A CG  1 
ATOM   484 C  CD  . GLU A 1 77 ? -5.174  -8.308  10.856  1.00 80.08 ? 240 GLU A CD  1 
ATOM   485 O  OE1 . GLU A 1 77 ? -5.976  -8.109  9.901   1.00 82.72 ? 240 GLU A OE1 1 
ATOM   486 O  OE2 . GLU A 1 77 ? -4.830  -9.449  11.263  1.00 83.85 ? 240 GLU A OE2 1 
ATOM   487 N  N   . LYS A 1 78 ? -1.217  -5.393  11.365  1.00 69.63 ? 241 LYS A N   1 
ATOM   488 C  CA  . LYS A 1 78 ? 0.051   -6.122  11.277  1.00 69.36 ? 241 LYS A CA  1 
ATOM   489 C  C   . LYS A 1 78 ? -0.151  -7.499  11.888  1.00 70.14 ? 241 LYS A C   1 
ATOM   490 O  O   . LYS A 1 78 ? -0.660  -7.617  13.032  1.00 71.30 ? 241 LYS A O   1 
ATOM   491 C  CB  . LYS A 1 78 ? 1.107   -5.413  12.086  1.00 68.70 ? 241 LYS A CB  1 
ATOM   492 C  CG  . LYS A 1 78 ? 1.347   -4.015  11.675  1.00 68.02 ? 241 LYS A CG  1 
ATOM   493 C  CD  . LYS A 1 78 ? 2.689   -3.908  11.051  1.00 67.95 ? 241 LYS A CD  1 
ATOM   494 C  CE  . LYS A 1 78 ? 3.740   -4.234  12.068  1.00 64.82 ? 241 LYS A CE  1 
ATOM   495 N  NZ  . LYS A 1 78 ? 4.800   -3.253  11.895  1.00 65.92 ? 241 LYS A NZ  1 
ATOM   496 N  N   . GLU A 1 79 ? 0.214   -8.535  11.128  1.00 70.66 ? 242 GLU A N   1 
ATOM   497 C  CA  . GLU A 1 79 ? 0.505   -9.876  11.675  1.00 70.64 ? 242 GLU A CA  1 
ATOM   498 C  C   . GLU A 1 79 ? 2.013   -10.022 11.875  1.00 69.87 ? 242 GLU A C   1 
ATOM   499 O  O   . GLU A 1 79 ? 2.779   -10.344 10.943  1.00 69.40 ? 242 GLU A O   1 
ATOM   500 C  CB  . GLU A 1 79 ? 0.012   -10.992 10.768  1.00 71.16 ? 242 GLU A CB  1 
ATOM   501 C  CG  . GLU A 1 79 ? 0.325   -12.375 11.336  1.00 75.84 ? 242 GLU A CG  1 
ATOM   502 C  CD  . GLU A 1 79 ? -0.695  -12.847 12.409  1.00 82.94 ? 242 GLU A CD  1 
ATOM   503 O  OE1 . GLU A 1 79 ? -0.668  -14.089 12.695  1.00 83.61 ? 242 GLU A OE1 1 
ATOM   504 O  OE2 . GLU A 1 79 ? -1.519  -11.996 12.929  1.00 82.53 ? 242 GLU A OE2 1 
ATOM   505 N  N   . GLY A 1 80 ? 2.433   -9.766  13.100  1.00 68.49 ? 243 GLY A N   1 
ATOM   506 C  CA  . GLY A 1 80 ? 3.815   -9.892  13.396  1.00 67.85 ? 243 GLY A CA  1 
ATOM   507 C  C   . GLY A 1 80 ? 4.529   -8.742  12.755  1.00 67.35 ? 243 GLY A C   1 
ATOM   508 O  O   . GLY A 1 80 ? 4.365   -7.558  13.118  1.00 69.13 ? 243 GLY A O   1 
ATOM   509 N  N   . GLN A 1 81 ? 5.373   -9.054  11.806  1.00 66.06 ? 244 GLN A N   1 
ATOM   510 C  CA  . GLN A 1 81 ? 6.140   -7.958  11.257  1.00 63.97 ? 244 GLN A CA  1 
ATOM   511 C  C   . GLN A 1 81 ? 5.664   -7.758  9.825   1.00 62.74 ? 244 GLN A C   1 
ATOM   512 O  O   . GLN A 1 81 ? 6.173   -6.918  9.147   1.00 62.59 ? 244 GLN A O   1 
ATOM   513 C  CB  . GLN A 1 81 ? 7.644   -8.226  11.403  1.00 63.26 ? 244 GLN A CB  1 
ATOM   514 C  CG  . GLN A 1 81 ? 8.500   -6.997  11.361  1.00 61.61 ? 244 GLN A CG  1 
ATOM   515 C  CD  . GLN A 1 81 ? 8.607   -6.260  12.648  1.00 63.44 ? 244 GLN A CD  1 
ATOM   516 O  OE1 . GLN A 1 81 ? 8.711   -5.016  12.660  1.00 63.15 ? 244 GLN A OE1 1 
ATOM   517 N  NE2 . GLN A 1 81 ? 8.603   -7.003  13.763  1.00 63.29 ? 244 GLN A NE2 1 
ATOM   518 N  N   . ARG A 1 82 ? 4.666   -8.529  9.410   1.00 61.07 ? 245 ARG A N   1 
ATOM   519 C  CA  . ARG A 1 82 ? 4.102   -8.451  8.101   1.00 61.26 ? 245 ARG A CA  1 
ATOM   520 C  C   . ARG A 1 82 ? 2.965   -7.450  8.197   1.00 60.24 ? 245 ARG A C   1 
ATOM   521 O  O   . ARG A 1 82 ? 2.260   -7.409  9.217   1.00 60.75 ? 245 ARG A O   1 
ATOM   522 C  CB  . ARG A 1 82 ? 3.526   -9.813  7.686   1.00 60.25 ? 245 ARG A CB  1 
ATOM   523 C  CG  . ARG A 1 82 ? 3.018   -9.868  6.243   1.00 62.64 ? 245 ARG A CG  1 
ATOM   524 C  CD  . ARG A 1 82 ? 2.556   -11.261 5.786   1.00 65.49 ? 245 ARG A CD  1 
ATOM   525 N  NE  . ARG A 1 82 ? 1.659   -11.886 6.777   1.00 79.77 ? 245 ARG A NE  1 
ATOM   526 C  CZ  . ARG A 1 82 ? 2.001   -12.847 7.666   1.00 85.36 ? 245 ARG A CZ  1 
ATOM   527 N  NH1 . ARG A 1 82 ? 1.078   -13.338 8.505   1.00 87.03 ? 245 ARG A NH1 1 
ATOM   528 N  NH2 . ARG A 1 82 ? 3.248   -13.352 7.721   1.00 87.30 ? 245 ARG A NH2 1 
ATOM   529 N  N   . ILE A 1 83 ? 2.784   -6.653  7.132   1.00 58.35 ? 246 ILE A N   1 
ATOM   530 C  CA  . ILE A 1 83 ? 1.635   -5.765  6.989   1.00 54.90 ? 246 ILE A CA  1 
ATOM   531 C  C   . ILE A 1 83 ? 0.565   -6.645  6.448   1.00 54.25 ? 246 ILE A C   1 
ATOM   532 O  O   . ILE A 1 83 ? 0.608   -7.115  5.317   1.00 53.39 ? 246 ILE A O   1 
ATOM   533 C  CB  . ILE A 1 83 ? 1.916   -4.664  5.997   1.00 54.55 ? 246 ILE A CB  1 
ATOM   534 C  CG1 . ILE A 1 83 ? 2.969   -3.711  6.543   1.00 54.47 ? 246 ILE A CG1 1 
ATOM   535 C  CG2 . ILE A 1 83 ? 0.739   -3.813  5.830   1.00 55.15 ? 246 ILE A CG2 1 
ATOM   536 C  CD1 . ILE A 1 83 ? 3.772   -3.034  5.426   1.00 56.22 ? 246 ILE A CD1 1 
ATOM   537 N  N   . GLU A 1 84 ? -0.431  -6.892  7.278   1.00 54.57 ? 247 GLU A N   1 
ATOM   538 C  CA  . GLU A 1 84 ? -1.438  -7.866  6.927   1.00 55.40 ? 247 GLU A CA  1 
ATOM   539 C  C   . GLU A 1 84 ? -2.581  -7.273  6.055   1.00 53.66 ? 247 GLU A C   1 
ATOM   540 O  O   . GLU A 1 84 ? -2.978  -7.877  5.009   1.00 51.42 ? 247 GLU A O   1 
ATOM   541 C  CB  . GLU A 1 84 ? -1.946  -8.536  8.237   1.00 57.55 ? 247 GLU A CB  1 
ATOM   542 C  CG  . GLU A 1 84 ? -2.925  -9.731  8.025   1.00 65.56 ? 247 GLU A CG  1 
ATOM   543 C  CD  . GLU A 1 84 ? -2.193  -11.029 7.717   1.00 77.26 ? 247 GLU A CD  1 
ATOM   544 O  OE1 . GLU A 1 84 ? -2.584  -12.122 8.261   1.00 84.17 ? 247 GLU A OE1 1 
ATOM   545 O  OE2 . GLU A 1 84 ? -1.195  -10.951 6.953   1.00 78.76 ? 247 GLU A OE2 1 
ATOM   546 N  N   . ARG A 1 85 ? -3.105  -6.112  6.510   1.00 53.11 ? 248 ARG A N   1 
ATOM   547 C  CA  . ARG A 1 85 ? -4.260  -5.401  5.869   1.00 53.13 ? 248 ARG A CA  1 
ATOM   548 C  C   . ARG A 1 85 ? -4.001  -3.941  5.740   1.00 50.86 ? 248 ARG A C   1 
ATOM   549 O  O   . ARG A 1 85 ? -3.577  -3.262  6.734   1.00 49.53 ? 248 ARG A O   1 
ATOM   550 C  CB  . ARG A 1 85 ? -5.536  -5.473  6.726   1.00 53.77 ? 248 ARG A CB  1 
ATOM   551 C  CG  . ARG A 1 85 ? -6.216  -6.733  6.656   1.00 58.71 ? 248 ARG A CG  1 
ATOM   552 C  CD  . ARG A 1 85 ? -7.545  -6.660  5.997   1.00 66.57 ? 248 ARG A CD  1 
ATOM   553 N  NE  . ARG A 1 85 ? -7.557  -7.867  5.188   1.00 73.45 ? 248 ARG A NE  1 
ATOM   554 C  CZ  . ARG A 1 85 ? -8.291  -8.053  4.102   1.00 74.03 ? 248 ARG A CZ  1 
ATOM   555 N  NH1 . ARG A 1 85 ? -8.168  -9.207  3.454   1.00 76.29 ? 248 ARG A NH1 1 
ATOM   556 N  NH2 . ARG A 1 85 ? -9.140  -7.114  3.680   1.00 72.30 ? 248 ARG A NH2 1 
ATOM   557 N  N   . VAL A 1 86 ? -4.311  -3.440  4.548   1.00 49.22 ? 249 VAL A N   1 
ATOM   558 C  CA  . VAL A 1 86 ? -4.265  -1.997  4.389   1.00 49.64 ? 249 VAL A CA  1 
ATOM   559 C  C   . VAL A 1 86 ? -5.589  -1.419  3.886   1.00 49.26 ? 249 VAL A C   1 
ATOM   560 O  O   . VAL A 1 86 ? -6.364  -2.081  3.139   1.00 47.96 ? 249 VAL A O   1 
ATOM   561 C  CB  . VAL A 1 86 ? -2.944  -1.514  3.677   1.00 50.31 ? 249 VAL A CB  1 
ATOM   562 C  CG1 . VAL A 1 86 ? -2.245  -2.653  3.067   1.00 48.45 ? 249 VAL A CG1 1 
ATOM   563 C  CG2 . VAL A 1 86 ? -3.213  -0.452  2.643   1.00 50.09 ? 249 VAL A CG2 1 
ATOM   564 N  N   . LYS A 1 87 ? -5.892  -0.233  4.392   1.00 50.30 ? 250 LYS A N   1 
ATOM   565 C  CA  . LYS A 1 87 ? -7.151  0.485   4.062   1.00 51.56 ? 250 LYS A CA  1 
ATOM   566 C  C   . LYS A 1 87 ? -6.831  1.574   3.026   1.00 51.60 ? 250 LYS A C   1 
ATOM   567 O  O   . LYS A 1 87 ? -6.022  2.474   3.302   1.00 50.69 ? 250 LYS A O   1 
ATOM   568 C  CB  . LYS A 1 87 ? -7.741  1.170   5.331   1.00 52.41 ? 250 LYS A CB  1 
ATOM   569 C  CG  . LYS A 1 87 ? -9.181  1.790   5.152   1.00 52.20 ? 250 LYS A CG  1 
ATOM   570 C  CD  . LYS A 1 87 ? -9.690  2.772   6.246   1.00 52.57 ? 250 LYS A CD  1 
ATOM   571 C  CE  . LYS A 1 87 ? -11.279 2.820   6.237   1.00 57.44 ? 250 LYS A CE  1 
ATOM   572 N  NZ  . LYS A 1 87 ? -12.086 1.523   5.706   1.00 55.81 ? 250 LYS A NZ  1 
ATOM   573 N  N   . ILE A 1 88 ? -7.434  1.460   1.837   1.00 52.04 ? 251 ILE A N   1 
ATOM   574 C  CA  . ILE A 1 88 ? -7.271  2.466   0.810   1.00 51.58 ? 251 ILE A CA  1 
ATOM   575 C  C   . ILE A 1 88 ? -8.388  3.525   0.914   1.00 53.22 ? 251 ILE A C   1 
ATOM   576 O  O   . ILE A 1 88 ? -9.638  3.182   0.744   1.00 52.82 ? 251 ILE A O   1 
ATOM   577 C  CB  . ILE A 1 88 ? -7.496  1.940   -0.578  1.00 50.22 ? 251 ILE A CB  1 
ATOM   578 C  CG1 . ILE A 1 88 ? -6.923  0.562   -0.917  1.00 50.64 ? 251 ILE A CG1 1 
ATOM   579 C  CG2 . ILE A 1 88 ? -6.848  2.853   -1.432  1.00 54.05 ? 251 ILE A CG2 1 
ATOM   580 C  CD1 . ILE A 1 88 ? -5.470  0.393   -0.816  1.00 42.23 ? 251 ILE A CD1 1 
ATOM   581 N  N   . THR A 1 89 ? -7.989  4.782   1.170   1.00 52.63 ? 252 THR A N   1 
ATOM   582 C  CA  . THR A 1 89 ? -8.865  5.921   0.893   1.00 52.70 ? 252 THR A CA  1 
ATOM   583 C  C   . THR A 1 89 ? -8.432  6.960   -0.236  1.00 54.70 ? 252 THR A C   1 
ATOM   584 O  O   . THR A 1 89 ? -7.347  6.810   -0.828  1.00 55.46 ? 252 THR A O   1 
ATOM   585 C  CB  . THR A 1 89 ? -9.301  6.606   2.168   1.00 52.76 ? 252 THR A CB  1 
ATOM   586 O  OG1 . THR A 1 89 ? -8.213  7.255   2.848   1.00 50.54 ? 252 THR A OG1 1 
ATOM   587 C  CG2 . THR A 1 89 ? -10.028 5.610   3.089   1.00 53.49 ? 252 THR A CG2 1 
ATOM   588 N  N   . LYS A 1 90 ? -9.278  7.991   -0.539  1.00 54.24 ? 253 LYS A N   1 
ATOM   589 C  CA  . LYS A 1 90 ? -8.982  9.049   -1.546  1.00 53.64 ? 253 LYS A CA  1 
ATOM   590 C  C   . LYS A 1 90 ? -8.354  10.368  -0.993  1.00 55.24 ? 253 LYS A C   1 
ATOM   591 O  O   . LYS A 1 90 ? -8.728  10.849  0.083   1.00 56.90 ? 253 LYS A O   1 
ATOM   592 C  CB  . LYS A 1 90 ? -10.211 9.352   -2.342  1.00 53.15 ? 253 LYS A CB  1 
ATOM   593 C  CG  . LYS A 1 90 ? -10.203 8.763   -3.687  1.00 51.93 ? 253 LYS A CG  1 
ATOM   594 C  CD  . LYS A 1 90 ? -9.630  9.768   -4.492  1.00 52.47 ? 253 LYS A CD  1 
ATOM   595 C  CE  . LYS A 1 90 ? -9.059  9.301   -5.801  1.00 53.36 ? 253 LYS A CE  1 
ATOM   596 N  NZ  . LYS A 1 90 ? -8.120  10.498  -5.976  1.00 55.43 ? 253 LYS A NZ  1 
ATOM   597 N  N   . LEU A 1 91 ? -7.351  10.952  -1.635  1.00 55.47 ? 254 LEU A N   1 
ATOM   598 C  CA  . LEU A 1 91 ? -6.882  12.173  -1.068  1.00 55.37 ? 254 LEU A CA  1 
ATOM   599 C  C   . LEU A 1 91 ? -7.745  13.293  -1.669  1.00 56.33 ? 254 LEU A C   1 
ATOM   600 O  O   . LEU A 1 91 ? -8.343  13.023  -2.761  1.00 55.14 ? 254 LEU A O   1 
ATOM   601 C  CB  . LEU A 1 91 ? -5.413  12.346  -1.310  1.00 55.84 ? 254 LEU A CB  1 
ATOM   602 C  CG  . LEU A 1 91 ? -4.595  11.955  -0.094  1.00 55.75 ? 254 LEU A CG  1 
ATOM   603 C  CD1 . LEU A 1 91 ? -5.477  11.752  1.072   1.00 56.29 ? 254 LEU A CD1 1 
ATOM   604 C  CD2 . LEU A 1 91 ? -3.919  10.714  -0.402  1.00 60.00 ? 254 LEU A CD2 1 
ATOM   605 N  N   . PRO A 1 92 ? -7.973  14.422  -0.884  1.00 57.24 ? 255 PRO A N   1 
ATOM   606 C  CA  . PRO A 1 92 ? -8.358  15.737  -1.344  1.00 58.13 ? 255 PRO A CA  1 
ATOM   607 C  C   . PRO A 1 92 ? -8.041  15.960  -2.790  1.00 59.57 ? 255 PRO A C   1 
ATOM   608 O  O   . PRO A 1 92 ? -8.683  15.318  -3.640  1.00 61.70 ? 255 PRO A O   1 
ATOM   609 C  CB  . PRO A 1 92 ? -7.535  16.646  -0.442  1.00 56.91 ? 255 PRO A CB  1 
ATOM   610 C  CG  . PRO A 1 92 ? -7.670  15.943  0.934   1.00 58.87 ? 255 PRO A CG  1 
ATOM   611 C  CD  . PRO A 1 92 ? -8.002  14.448  0.608   1.00 57.84 ? 255 PRO A CD  1 
HETATM 612 C  C1  . EDO B 2 .  ? 7.870   -11.952 9.759   1.00 56.77 ? 101 EDO A C1  1 
HETATM 613 O  O1  . EDO B 2 .  ? 7.374   -11.074 10.779  1.00 57.82 ? 101 EDO A O1  1 
HETATM 614 C  C2  . EDO B 2 .  ? 7.081   -11.576 8.463   1.00 54.78 ? 101 EDO A C2  1 
HETATM 615 O  O2  . EDO B 2 .  ? 6.233   -12.658 7.939   1.00 49.22 ? 101 EDO A O2  1 
HETATM 616 C  C1  . EDO C 2 .  ? 3.310   11.367  -4.852  1.00 78.11 ? 102 EDO A C1  1 
HETATM 617 O  O1  . EDO C 2 .  ? 2.031   10.713  -4.833  1.00 76.66 ? 102 EDO A O1  1 
HETATM 618 C  C2  . EDO C 2 .  ? 4.267   10.405  -5.558  1.00 77.24 ? 102 EDO A C2  1 
HETATM 619 O  O2  . EDO C 2 .  ? 5.048   9.803   -4.531  1.00 74.20 ? 102 EDO A O2  1 
HETATM 620 C  C1  . EDO D 2 .  ? -9.421  13.453  3.892   1.00 92.52 ? 103 EDO A C1  1 
HETATM 621 O  O1  . EDO D 2 .  ? -10.443 12.878  4.717   1.00 93.75 ? 103 EDO A O1  1 
HETATM 622 C  C2  . EDO D 2 .  ? -8.072  12.921  4.354   1.00 88.68 ? 103 EDO A C2  1 
HETATM 623 O  O2  . EDO D 2 .  ? -7.876  11.695  3.635   1.00 86.55 ? 103 EDO A O2  1 
HETATM 624 O  O   . HOH E 3 .  ? -6.151  6.279   -9.526  1.00 41.92 ? 1   HOH A O   1 
HETATM 625 O  O   . HOH E 3 .  ? -6.218  -7.941  -0.742  1.00 49.46 ? 2   HOH A O   1 
HETATM 626 O  O   . HOH E 3 .  ? 3.657   -6.064  -8.572  1.00 44.14 ? 3   HOH A O   1 
HETATM 627 O  O   . HOH E 3 .  ? 5.258   -8.219  -9.717  1.00 63.04 ? 4   HOH A O   1 
HETATM 628 O  O   . HOH E 3 .  ? -3.561  7.684   -9.178  1.00 51.74 ? 5   HOH A O   1 
HETATM 629 O  O   . HOH E 3 .  ? -2.707  12.013  -8.065  1.00 60.62 ? 6   HOH A O   1 
# 
